data_3OA5
#
_entry.id   3OA5
#
_cell.length_a   57.012
_cell.length_b   67.172
_cell.length_c   81.679
_cell.angle_alpha   102.85
_cell.angle_beta   108.06
_cell.angle_gamma   92.10
#
_symmetry.space_group_name_H-M   'P 1'
#
loop_
_entity.id
_entity.type
_entity.pdbx_description
1 polymer Chi1
2 non-polymer 'NONAETHYLENE GLYCOL'
3 non-polymer GLYCEROL
4 water water
#
_entity_poly.entity_id   1
_entity_poly.type   'polypeptide(L)'
_entity_poly.pdbx_seq_one_letter_code
;MSYYHHHHHHLESTSLYKKAGFENLYFQGSGAMEKEEKSNLIYDKDPGYVWDNKNECEGAAEETYQELNYEPSISADKLT
WTPTRLAKTVFNTYEDDDDFNVLCYFTDWSQYDPRIINKEIRDTGGRSADILRLNTPDGRPFKRLIYSFGGLIGDKKYSA
DGNASIAVRLGVATDPDDAIANHKGKTIPVDPDGAVLASINCGFTKWEAGDANERYNQEKAKGLLGGFRLLHEADKELEF
SLSIGGWSMSGLFSEIAKDEILRTNFVEGIKDFFQRFPMFSHLDIDWEYPGSIGAGNPNSPDDGANFAILIQQITDAKIS
NLKGISIASSADPAKIDAANIPALMDAGVTGINLMTYDFFTLGDGKLSHHTNIYRDPSDVYSKYSIDDAVTHLIDEKKVD
PKAIFIGYAGYTRNAKNATITTSIPSEEALKGTYTDANQTLGSFEYSVLEWTDIICHYMDFEKGEGRNGYKLVHDKVAKA
DYLYSEATKVFISLDTPRSVRDKGRYVKDKGLGGLFIWSGDQDNGILTNAAHEGLKRRIKNKVIDMTPFYLDSDEELPTY
TEPAEPQCEACNIK
;
_entity_poly.pdbx_strand_id   A,B
#
loop_
_chem_comp.id
_chem_comp.type
_chem_comp.name
_chem_comp.formula
2PE non-polymer 'NONAETHYLENE GLYCOL' 'C18 H38 O10'
GOL non-polymer GLYCEROL 'C3 H8 O3'
#
# COMPACT_ATOMS: atom_id res chain seq x y z
N LYS A 38 -22.25 -26.95 25.87
CA LYS A 38 -21.47 -26.43 27.05
C LYS A 38 -20.00 -26.73 26.84
N SER A 39 -19.14 -25.72 26.88
CA SER A 39 -17.74 -25.91 26.49
C SER A 39 -16.74 -25.16 27.38
N ASN A 40 -15.59 -25.77 27.61
CA ASN A 40 -14.52 -25.04 28.27
C ASN A 40 -13.54 -24.40 27.29
N LEU A 41 -13.79 -24.60 26.01
CA LEU A 41 -12.87 -24.10 24.97
C LEU A 41 -13.43 -22.91 24.19
N ILE A 42 -14.75 -22.84 24.04
CA ILE A 42 -15.39 -21.82 23.21
C ILE A 42 -16.64 -21.23 23.80
N TYR A 43 -17.02 -20.06 23.30
CA TYR A 43 -18.32 -19.48 23.59
C TYR A 43 -19.29 -19.84 22.47
N ASP A 44 -20.57 -19.98 22.78
CA ASP A 44 -21.55 -20.19 21.73
C ASP A 44 -21.99 -18.87 21.08
N LYS A 45 -21.63 -17.73 21.68
CA LYS A 45 -21.98 -16.44 21.08
C LYS A 45 -20.85 -15.46 21.37
N ASP A 46 -20.53 -14.60 20.41
CA ASP A 46 -19.44 -13.61 20.60
C ASP A 46 -19.77 -12.83 21.89
N PRO A 47 -18.91 -12.94 22.91
CA PRO A 47 -19.18 -12.22 24.16
C PRO A 47 -18.92 -10.72 24.03
N GLY A 48 -18.29 -10.31 22.95
CA GLY A 48 -18.08 -8.87 22.79
C GLY A 48 -16.90 -8.34 23.56
N TYR A 49 -16.84 -7.02 23.72
CA TYR A 49 -15.66 -6.37 24.26
C TYR A 49 -16.13 -5.06 24.88
N VAL A 50 -15.80 -4.85 26.15
CA VAL A 50 -16.25 -3.67 26.87
C VAL A 50 -15.28 -2.54 26.61
N TRP A 51 -15.80 -1.44 26.08
CA TRP A 51 -14.95 -0.31 25.78
C TRP A 51 -15.73 0.96 26.14
N ASP A 52 -15.10 1.89 26.88
CA ASP A 52 -15.75 3.15 27.24
C ASP A 52 -17.16 2.85 27.81
N ASN A 53 -17.19 1.92 28.74
CA ASN A 53 -18.37 1.55 29.52
C ASN A 53 -19.55 0.97 28.75
N LYS A 54 -19.33 0.56 27.50
CA LYS A 54 -20.39 -0.05 26.71
C LYS A 54 -19.87 -1.36 26.11
N ASN A 55 -20.79 -2.25 25.76
CA ASN A 55 -20.40 -3.41 24.97
C ASN A 55 -21.22 -3.44 23.71
N GLU A 56 -20.61 -3.00 22.60
CA GLU A 56 -21.34 -2.85 21.36
C GLU A 56 -21.27 -4.04 20.40
N CYS A 57 -20.58 -5.10 20.80
CA CYS A 57 -20.27 -6.19 19.87
C CYS A 57 -20.63 -7.57 20.42
N GLU A 58 -21.58 -7.62 21.36
CA GLU A 58 -22.12 -8.94 21.70
C GLU A 58 -22.80 -9.52 20.48
N GLY A 59 -22.55 -10.80 20.21
CA GLY A 59 -23.02 -11.45 19.00
C GLY A 59 -22.48 -10.91 17.67
N ALA A 60 -21.43 -10.08 17.68
CA ALA A 60 -21.00 -9.47 16.42
C ALA A 60 -20.53 -10.51 15.40
N ALA A 61 -19.84 -11.54 15.89
CA ALA A 61 -19.26 -12.61 15.04
C ALA A 61 -20.40 -13.29 14.28
N GLU A 62 -21.46 -13.61 15.00
CA GLU A 62 -22.66 -14.26 14.39
C GLU A 62 -23.49 -13.33 13.48
N GLU A 63 -23.50 -12.03 13.77
CA GLU A 63 -24.08 -11.09 12.82
C GLU A 63 -23.32 -11.03 11.50
N THR A 64 -21.97 -11.07 11.56
CA THR A 64 -21.20 -11.17 10.34
C THR A 64 -21.56 -12.44 9.57
N TYR A 65 -21.58 -13.56 10.27
CA TYR A 65 -21.92 -14.84 9.62
C TYR A 65 -23.26 -14.72 8.87
N GLN A 66 -24.27 -14.18 9.56
CA GLN A 66 -25.58 -13.96 8.91
C GLN A 66 -25.49 -13.07 7.66
N GLU A 67 -24.84 -11.91 7.77
CA GLU A 67 -24.66 -10.99 6.65
C GLU A 67 -23.95 -11.61 5.44
N LEU A 68 -23.03 -12.53 5.70
CA LEU A 68 -22.24 -13.11 4.62
C LEU A 68 -22.75 -14.49 4.21
N ASN A 69 -23.80 -14.95 4.88
CA ASN A 69 -24.34 -16.28 4.68
C ASN A 69 -23.28 -17.36 4.87
N TYR A 70 -22.43 -17.18 5.88
CA TYR A 70 -21.52 -18.25 6.25
C TYR A 70 -22.27 -19.36 6.97
N GLU A 71 -22.14 -20.58 6.48
CA GLU A 71 -22.66 -21.73 7.20
C GLU A 71 -21.56 -22.80 7.22
N PRO A 72 -21.06 -23.18 8.40
CA PRO A 72 -19.90 -24.09 8.48
C PRO A 72 -20.06 -25.42 7.72
N SER A 73 -21.27 -26.02 7.73
CA SER A 73 -21.38 -27.36 7.13
C SER A 73 -21.55 -27.31 5.64
N ILE A 74 -21.77 -26.13 5.08
CA ILE A 74 -21.93 -25.95 3.64
C ILE A 74 -20.86 -25.07 2.94
N SER A 75 -20.47 -23.97 3.58
CA SER A 75 -19.63 -22.98 2.88
C SER A 75 -18.23 -23.50 2.49
N ALA A 76 -17.91 -23.40 1.21
CA ALA A 76 -16.64 -23.86 0.72
C ALA A 76 -15.75 -22.69 0.25
N ASP A 77 -16.34 -21.49 0.20
CA ASP A 77 -15.77 -20.38 -0.57
C ASP A 77 -15.94 -19.00 0.08
N LYS A 78 -16.14 -19.02 1.39
CA LYS A 78 -16.49 -17.83 2.15
C LYS A 78 -15.36 -17.44 3.12
N LEU A 79 -15.31 -16.15 3.48
CA LEU A 79 -14.57 -15.73 4.67
C LEU A 79 -15.48 -15.59 5.91
N THR A 80 -15.03 -16.12 7.04
CA THR A 80 -15.76 -16.06 8.29
C THR A 80 -15.61 -14.76 9.08
N TRP A 81 -14.45 -14.10 8.95
CA TRP A 81 -14.05 -12.98 9.83
C TRP A 81 -14.17 -13.25 11.35
N THR A 82 -14.06 -14.50 11.77
CA THR A 82 -14.27 -14.84 13.19
C THR A 82 -13.24 -14.19 14.12
N PRO A 83 -13.72 -13.46 15.15
CA PRO A 83 -12.82 -12.85 16.11
C PRO A 83 -12.35 -13.86 17.17
N THR A 84 -11.12 -13.68 17.66
CA THR A 84 -10.58 -14.62 18.68
C THR A 84 -11.46 -14.64 19.96
N ARG A 85 -12.33 -13.64 20.10
CA ARG A 85 -13.24 -13.48 21.28
C ARG A 85 -14.15 -14.69 21.47
N LEU A 86 -14.43 -15.38 20.37
CA LEU A 86 -15.24 -16.59 20.45
C LEU A 86 -14.58 -17.75 21.18
N ALA A 87 -13.25 -17.72 21.32
CA ALA A 87 -12.54 -18.75 22.09
C ALA A 87 -12.44 -18.40 23.57
N LYS A 88 -12.49 -19.40 24.44
CA LYS A 88 -12.11 -19.18 25.84
C LYS A 88 -10.61 -19.25 25.99
N THR A 89 -10.06 -18.41 26.86
CA THR A 89 -8.61 -18.41 27.15
C THR A 89 -8.22 -19.49 28.12
N VAL A 90 -7.33 -20.38 27.67
CA VAL A 90 -6.95 -21.58 28.41
C VAL A 90 -5.45 -21.87 28.43
N PHE A 91 -4.59 -20.85 28.50
CA PHE A 91 -3.17 -21.14 28.60
C PHE A 91 -2.92 -21.67 30.03
N ASN A 92 -2.39 -22.88 30.14
CA ASN A 92 -1.75 -23.30 31.41
C ASN A 92 -0.39 -22.64 31.48
N THR A 93 0.31 -22.76 32.61
CA THR A 93 1.77 -22.48 32.61
C THR A 93 2.46 -23.69 33.15
N TYR A 94 3.73 -23.79 32.79
CA TYR A 94 4.62 -24.95 33.01
C TYR A 94 5.98 -24.43 33.42
N GLU A 95 6.72 -25.17 34.25
CA GLU A 95 8.13 -24.85 34.49
C GLU A 95 8.87 -24.85 33.20
N ASP A 96 9.57 -23.75 32.96
CA ASP A 96 10.19 -23.48 31.69
C ASP A 96 11.65 -23.16 31.87
N ASP A 97 12.20 -23.54 33.02
CA ASP A 97 13.61 -23.30 33.25
C ASP A 97 14.51 -24.52 32.92
N ASP A 98 14.26 -25.16 31.78
CA ASP A 98 15.01 -26.34 31.36
C ASP A 98 15.96 -25.89 30.26
N ASP A 99 16.40 -26.77 29.36
CA ASP A 99 17.25 -26.25 28.29
C ASP A 99 16.51 -25.91 26.96
N PHE A 100 15.22 -25.66 27.05
CA PHE A 100 14.41 -25.27 25.86
C PHE A 100 13.64 -23.96 26.09
N ASN A 101 13.15 -23.38 24.99
CA ASN A 101 12.40 -22.11 25.07
C ASN A 101 11.25 -22.18 24.04
N VAL A 102 10.07 -21.69 24.41
CA VAL A 102 8.94 -21.55 23.50
C VAL A 102 8.69 -20.05 23.24
N LEU A 103 8.73 -19.68 21.95
CA LEU A 103 8.70 -18.30 21.50
C LEU A 103 7.38 -18.00 20.82
N CYS A 104 7.01 -16.73 20.79
CA CYS A 104 5.71 -16.35 20.26
C CYS A 104 5.84 -15.22 19.28
N TYR A 105 5.47 -15.45 18.00
CA TYR A 105 5.30 -14.31 17.08
C TYR A 105 3.96 -13.63 17.37
N PHE A 106 3.98 -12.36 17.84
CA PHE A 106 2.71 -11.66 18.10
C PHE A 106 2.55 -10.54 17.05
N THR A 107 1.52 -10.60 16.24
CA THR A 107 1.40 -9.68 15.08
C THR A 107 0.68 -8.39 15.49
N ASP A 108 1.13 -7.24 14.99
CA ASP A 108 0.54 -6.03 15.50
C ASP A 108 -0.76 -5.64 14.74
N TRP A 109 -1.21 -6.44 13.80
CA TRP A 109 -2.49 -6.20 13.16
C TRP A 109 -3.59 -7.07 13.76
N SER A 110 -3.20 -8.04 14.62
CA SER A 110 -4.24 -8.93 15.11
C SER A 110 -5.17 -8.21 16.12
N GLN A 111 -4.75 -7.08 16.71
CA GLN A 111 -5.62 -6.37 17.68
C GLN A 111 -6.91 -5.80 17.05
N TYR A 112 -6.96 -5.59 15.75
CA TYR A 112 -8.05 -4.77 15.16
C TYR A 112 -9.37 -5.50 15.05
N ASP A 113 -10.45 -4.72 15.13
CA ASP A 113 -11.76 -5.21 14.70
C ASP A 113 -12.75 -4.04 14.77
N PRO A 114 -13.11 -3.46 13.61
CA PRO A 114 -13.99 -2.29 13.67
C PRO A 114 -15.38 -2.62 14.24
N ARG A 115 -15.71 -3.91 14.38
CA ARG A 115 -17.02 -4.28 14.96
C ARG A 115 -17.14 -3.92 16.42
N ILE A 116 -16.02 -3.73 17.08
CA ILE A 116 -15.98 -3.41 18.51
C ILE A 116 -16.68 -2.06 18.81
N ILE A 117 -16.64 -1.10 17.88
CA ILE A 117 -16.97 0.30 18.21
C ILE A 117 -18.48 0.58 18.22
N ASN A 118 -19.24 -0.10 17.38
CA ASN A 118 -20.67 0.21 17.30
C ASN A 118 -21.33 -0.88 16.48
N LYS A 119 -22.47 -0.57 15.87
CA LYS A 119 -23.25 -1.59 15.15
C LYS A 119 -23.13 -1.39 13.65
N GLU A 120 -22.26 -0.47 13.23
CA GLU A 120 -22.30 -0.07 11.81
C GLU A 120 -21.65 -1.11 10.85
N ILE A 121 -20.53 -1.69 11.27
CA ILE A 121 -19.76 -2.54 10.36
C ILE A 121 -20.00 -3.98 10.77
N ARG A 122 -20.64 -4.77 9.91
CA ARG A 122 -20.75 -6.21 10.23
C ARG A 122 -20.43 -7.10 9.02
N ASP A 123 -20.14 -6.52 7.87
CA ASP A 123 -19.88 -7.38 6.71
C ASP A 123 -18.39 -7.74 6.59
N THR A 124 -17.59 -7.30 7.57
CA THR A 124 -16.17 -7.63 7.64
C THR A 124 -15.76 -7.48 9.12
N GLY A 125 -14.52 -7.82 9.45
CA GLY A 125 -14.14 -7.71 10.85
C GLY A 125 -12.64 -7.87 11.02
N GLY A 126 -12.20 -7.93 12.27
CA GLY A 126 -10.83 -8.20 12.62
C GLY A 126 -10.72 -9.35 13.61
N ARG A 127 -9.48 -9.70 13.93
CA ARG A 127 -9.16 -10.81 14.80
C ARG A 127 -9.41 -10.42 16.26
N SER A 128 -9.34 -9.14 16.57
CA SER A 128 -9.51 -8.71 17.96
C SER A 128 -8.69 -9.56 18.97
N ALA A 129 -7.36 -9.69 18.77
CA ALA A 129 -6.57 -10.59 19.64
C ALA A 129 -6.05 -9.73 20.80
N ASP A 130 -6.54 -10.03 22.01
CA ASP A 130 -6.13 -9.27 23.20
C ASP A 130 -4.75 -9.76 23.67
N ILE A 131 -3.79 -8.84 23.79
CA ILE A 131 -2.43 -9.13 24.25
C ILE A 131 -2.58 -9.70 25.68
N LEU A 132 -3.70 -9.36 26.33
CA LEU A 132 -3.83 -9.75 27.76
C LEU A 132 -4.13 -11.24 27.93
N ARG A 133 -4.47 -11.94 26.85
CA ARG A 133 -4.62 -13.42 26.98
C ARG A 133 -3.32 -14.08 27.41
N LEU A 134 -2.20 -13.37 27.25
CA LEU A 134 -0.93 -13.94 27.63
C LEU A 134 -0.53 -13.66 29.09
N ASN A 135 -1.38 -12.91 29.80
CA ASN A 135 -1.04 -12.43 31.14
C ASN A 135 -1.49 -13.52 32.09
N THR A 136 -0.77 -14.63 32.14
CA THR A 136 -1.13 -15.74 33.03
C THR A 136 -0.56 -15.54 34.45
N PRO A 137 -1.25 -16.10 35.46
CA PRO A 137 -0.64 -16.20 36.79
C PRO A 137 0.46 -17.27 36.87
N ASP A 138 1.54 -16.94 37.60
CA ASP A 138 2.48 -17.97 38.08
C ASP A 138 3.24 -18.60 36.91
N GLY A 139 3.88 -17.77 36.10
CA GLY A 139 4.65 -18.28 34.97
C GLY A 139 4.25 -17.55 33.68
N ARG A 140 4.57 -18.15 32.55
CA ARG A 140 4.32 -17.49 31.27
C ARG A 140 4.13 -18.59 30.24
N PRO A 141 3.21 -18.38 29.29
CA PRO A 141 3.12 -19.37 28.22
C PRO A 141 4.29 -19.32 27.22
N PHE A 142 5.02 -18.22 27.13
CA PHE A 142 6.18 -18.12 26.23
C PHE A 142 7.31 -17.46 27.00
N LYS A 143 8.53 -17.91 26.77
CA LYS A 143 9.71 -17.22 27.32
C LYS A 143 9.92 -15.85 26.65
N ARG A 144 9.57 -15.74 25.37
CA ARG A 144 10.02 -14.59 24.57
C ARG A 144 8.87 -14.24 23.62
N LEU A 145 8.47 -12.96 23.60
CA LEU A 145 7.44 -12.47 22.66
C LEU A 145 8.20 -11.75 21.58
N ILE A 146 7.82 -12.00 20.32
CA ILE A 146 8.51 -11.44 19.19
C ILE A 146 7.52 -10.48 18.50
N TYR A 147 7.83 -9.18 18.55
CA TYR A 147 6.99 -8.17 17.94
C TYR A 147 7.04 -8.34 16.39
N SER A 148 5.91 -8.52 15.73
CA SER A 148 5.92 -8.76 14.32
C SER A 148 5.05 -7.72 13.61
N PHE A 149 5.59 -6.83 12.75
CA PHE A 149 6.97 -6.82 12.31
C PHE A 149 7.47 -5.41 12.22
N GLY A 150 8.77 -5.27 12.40
CA GLY A 150 9.40 -4.04 12.02
C GLY A 150 9.67 -4.04 10.51
N GLY A 151 9.47 -2.90 9.85
CA GLY A 151 9.74 -2.78 8.39
C GLY A 151 11.02 -1.96 8.25
N LEU A 152 11.32 -1.55 7.03
CA LEU A 152 12.56 -0.83 6.75
C LEU A 152 12.26 0.40 5.91
N ILE A 153 12.81 1.53 6.29
CA ILE A 153 12.73 2.72 5.48
C ILE A 153 13.46 2.52 4.15
N GLY A 154 12.78 2.91 3.07
CA GLY A 154 13.25 2.68 1.71
C GLY A 154 12.67 1.46 1.02
N ASP A 155 11.83 0.68 1.70
CA ASP A 155 11.30 -0.61 1.14
C ASP A 155 10.10 -0.33 0.23
N LYS A 156 10.39 -0.18 -1.07
CA LYS A 156 9.39 0.17 -2.05
C LYS A 156 8.64 -1.02 -2.60
N LYS A 157 9.01 -2.23 -2.20
CA LYS A 157 8.17 -3.41 -2.51
CA LYS A 157 8.16 -3.39 -2.53
C LYS A 157 6.92 -3.41 -1.62
N TYR A 158 7.17 -3.17 -0.34
CA TYR A 158 6.11 -3.11 0.65
C TYR A 158 5.30 -1.82 0.58
N SER A 159 5.95 -0.66 0.37
CA SER A 159 5.28 0.61 0.58
C SER A 159 5.56 1.54 -0.61
N ALA A 160 4.50 2.22 -1.09
CA ALA A 160 4.62 3.08 -2.24
C ALA A 160 5.63 4.19 -1.97
N ASP A 161 5.75 4.61 -0.70
CA ASP A 161 6.76 5.66 -0.40
C ASP A 161 7.93 5.15 0.46
N GLY A 162 8.14 3.85 0.44
CA GLY A 162 9.24 3.27 1.22
C GLY A 162 9.11 3.57 2.73
N ASN A 163 7.88 3.67 3.25
CA ASN A 163 7.64 3.86 4.69
C ASN A 163 8.05 5.26 5.15
N ALA A 164 8.27 6.18 4.22
CA ALA A 164 8.76 7.47 4.63
C ALA A 164 7.78 8.22 5.47
N SER A 165 6.48 8.11 5.18
CA SER A 165 5.52 8.86 5.96
C SER A 165 5.45 8.30 7.39
N ILE A 166 5.67 7.00 7.51
CA ILE A 166 5.73 6.37 8.81
CA ILE A 166 5.70 6.41 8.82
C ILE A 166 6.89 6.94 9.62
N ALA A 167 8.06 7.00 9.01
CA ALA A 167 9.23 7.57 9.65
C ALA A 167 8.97 8.97 10.21
N VAL A 168 8.32 9.82 9.42
CA VAL A 168 7.97 11.17 9.89
C VAL A 168 7.00 11.14 11.09
N ARG A 169 5.93 10.34 10.99
CA ARG A 169 4.99 10.24 12.05
C ARG A 169 5.63 9.74 13.36
N LEU A 170 6.65 8.86 13.28
CA LEU A 170 7.25 8.31 14.48
C LEU A 170 8.31 9.25 15.04
N GLY A 171 8.66 10.27 14.27
CA GLY A 171 9.58 11.28 14.77
C GLY A 171 11.03 10.91 14.51
N VAL A 172 11.27 9.94 13.62
CA VAL A 172 12.65 9.58 13.30
C VAL A 172 13.18 10.25 12.04
N ALA A 173 12.32 10.97 11.34
CA ALA A 173 12.72 11.74 10.15
C ALA A 173 11.99 13.05 10.12
N THR A 174 12.59 14.06 9.52
CA THR A 174 11.97 15.36 9.59
C THR A 174 10.93 15.60 8.48
N ASP A 175 11.04 14.86 7.36
CA ASP A 175 10.08 14.96 6.22
C ASP A 175 10.34 13.69 5.38
N PRO A 176 9.50 13.41 4.36
CA PRO A 176 9.71 12.14 3.65
C PRO A 176 11.02 12.09 2.86
N ASP A 177 11.47 13.24 2.37
CA ASP A 177 12.73 13.27 1.61
C ASP A 177 13.89 12.88 2.55
N ASP A 178 13.90 13.48 3.75
CA ASP A 178 14.88 13.18 4.77
C ASP A 178 14.86 11.68 5.16
N ALA A 179 13.66 11.11 5.28
CA ALA A 179 13.55 9.69 5.64
C ALA A 179 14.39 8.81 4.66
N ILE A 180 14.21 9.03 3.37
CA ILE A 180 14.81 8.20 2.37
C ILE A 180 16.31 8.60 2.28
N ALA A 181 16.56 9.90 2.28
CA ALA A 181 17.97 10.38 2.04
C ALA A 181 18.93 10.07 3.20
N ASN A 182 18.42 10.05 4.42
CA ASN A 182 19.24 9.83 5.60
C ASN A 182 19.02 8.56 6.36
N HIS A 183 17.94 7.85 6.07
CA HIS A 183 17.63 6.70 6.88
C HIS A 183 17.25 5.45 6.13
N LYS A 184 17.63 5.33 4.86
CA LYS A 184 17.34 4.09 4.14
C LYS A 184 18.00 2.90 4.85
N GLY A 185 17.21 1.85 5.11
CA GLY A 185 17.69 0.65 5.83
C GLY A 185 17.44 0.65 7.33
N LYS A 186 16.94 1.77 7.85
CA LYS A 186 16.59 1.86 9.26
C LYS A 186 15.23 1.17 9.54
N THR A 187 15.18 0.34 10.58
CA THR A 187 13.92 -0.31 10.97
C THR A 187 12.96 0.58 11.77
N ILE A 188 11.65 0.42 11.52
CA ILE A 188 10.63 1.10 12.32
C ILE A 188 9.42 0.20 12.21
N PRO A 189 8.54 0.21 13.24
CA PRO A 189 7.26 -0.47 13.09
C PRO A 189 6.56 0.21 11.91
N VAL A 190 5.78 -0.53 11.11
CA VAL A 190 5.14 0.13 9.98
C VAL A 190 3.68 0.47 10.29
N ASP A 191 3.24 0.16 11.52
CA ASP A 191 1.85 0.47 11.96
C ASP A 191 1.95 1.25 13.30
N PRO A 192 2.16 2.55 13.24
CA PRO A 192 2.30 3.26 14.53
C PRO A 192 1.06 3.26 15.41
N ASP A 193 -0.12 3.18 14.81
CA ASP A 193 -1.34 3.02 15.64
C ASP A 193 -1.23 1.77 16.47
N GLY A 194 -0.99 0.68 15.78
CA GLY A 194 -0.98 -0.59 16.44
C GLY A 194 0.22 -0.76 17.35
N ALA A 195 1.36 -0.14 17.00
CA ALA A 195 2.58 -0.27 17.79
C ALA A 195 2.58 0.52 19.11
N VAL A 196 2.22 1.81 19.05
CA VAL A 196 2.39 2.68 20.20
C VAL A 196 1.15 3.52 20.61
N LEU A 197 0.05 3.49 19.85
CA LEU A 197 -1.13 4.33 20.20
C LEU A 197 -2.37 3.63 20.72
N ALA A 198 -2.63 2.42 20.26
CA ALA A 198 -3.93 1.85 20.51
C ALA A 198 -4.20 1.47 21.98
N SER A 199 -5.48 1.39 22.35
CA SER A 199 -5.85 0.92 23.67
C SER A 199 -6.46 -0.47 23.56
N ILE A 200 -7.47 -0.54 22.71
CA ILE A 200 -8.30 -1.76 22.56
C ILE A 200 -7.41 -2.99 22.28
N ASN A 201 -7.53 -4.06 23.09
CA ASN A 201 -6.73 -5.28 22.86
C ASN A 201 -5.21 -5.14 23.12
N CYS A 202 -4.82 -3.98 23.66
CA CYS A 202 -3.45 -3.74 24.01
C CYS A 202 -3.27 -3.51 25.52
N GLY A 203 -4.37 -3.63 26.25
CA GLY A 203 -4.31 -3.58 27.71
C GLY A 203 -4.69 -2.23 28.34
N PHE A 204 -5.16 -1.28 27.53
CA PHE A 204 -5.45 0.08 28.07
C PHE A 204 -6.94 0.30 27.97
N THR A 205 -7.47 1.23 28.78
CA THR A 205 -8.95 1.27 28.90
C THR A 205 -9.64 2.57 28.51
N LYS A 206 -8.84 3.55 28.11
CA LYS A 206 -9.34 4.87 27.81
C LYS A 206 -8.44 5.56 26.79
N TRP A 207 -9.05 6.31 25.87
CA TRP A 207 -8.30 7.16 24.95
C TRP A 207 -7.60 8.28 25.72
N GLU A 208 -6.36 8.55 25.35
CA GLU A 208 -5.59 9.67 25.93
C GLU A 208 -4.90 10.37 24.81
N ALA A 209 -4.78 11.69 24.94
CA ALA A 209 -4.09 12.51 23.95
C ALA A 209 -2.63 12.07 23.84
N GLY A 210 -2.00 12.30 22.67
CA GLY A 210 -0.57 12.04 22.48
C GLY A 210 -0.36 11.49 21.06
N ASP A 211 0.65 11.99 20.34
CA ASP A 211 0.88 11.46 19.01
C ASP A 211 1.94 10.36 18.98
N ALA A 212 2.20 9.79 17.79
CA ALA A 212 3.06 8.60 17.77
C ALA A 212 4.49 9.00 18.16
N ASN A 213 4.90 10.20 17.78
CA ASN A 213 6.24 10.69 18.06
C ASN A 213 6.43 10.74 19.60
N GLU A 214 5.41 11.23 20.29
CA GLU A 214 5.46 11.36 21.76
C GLU A 214 5.48 9.99 22.42
N ARG A 215 4.84 9.02 21.79
CA ARG A 215 4.70 7.72 22.43
C ARG A 215 5.66 6.62 21.95
N TYR A 216 6.57 6.98 21.06
CA TYR A 216 7.52 6.03 20.51
C TYR A 216 8.73 5.78 21.42
N ASN A 217 8.44 5.42 22.67
CA ASN A 217 9.46 5.02 23.65
C ASN A 217 8.76 4.18 24.70
N GLN A 218 9.53 3.42 25.46
CA GLN A 218 8.95 2.40 26.30
C GLN A 218 7.99 2.94 27.35
N GLU A 219 8.35 4.02 28.00
CA GLU A 219 7.59 4.61 29.12
CA GLU A 219 7.52 4.38 29.11
C GLU A 219 6.24 5.11 28.67
N LYS A 220 6.24 5.75 27.48
CA LYS A 220 5.02 6.37 26.98
C LYS A 220 4.19 5.56 26.00
N ALA A 221 4.71 4.42 25.56
CA ALA A 221 3.97 3.65 24.58
C ALA A 221 2.58 3.17 25.07
N LYS A 222 1.58 3.30 24.20
CA LYS A 222 0.43 2.39 24.28
C LYS A 222 0.62 1.33 23.14
N GLY A 223 -0.47 0.94 22.49
CA GLY A 223 -0.35 -0.04 21.42
C GLY A 223 0.26 -1.34 21.92
N LEU A 224 0.63 -2.20 20.99
CA LEU A 224 1.20 -3.49 21.34
C LEU A 224 2.55 -3.37 22.08
N LEU A 225 3.34 -2.36 21.78
CA LEU A 225 4.58 -2.23 22.50
C LEU A 225 4.23 -1.85 23.98
N GLY A 226 3.19 -1.06 24.18
CA GLY A 226 2.71 -0.72 25.57
C GLY A 226 2.16 -1.98 26.21
N GLY A 227 1.45 -2.78 25.44
CA GLY A 227 1.00 -4.07 25.94
C GLY A 227 2.13 -5.02 26.36
N PHE A 228 3.20 -5.09 25.56
CA PHE A 228 4.43 -5.81 25.89
C PHE A 228 4.99 -5.26 27.22
N ARG A 229 4.96 -3.92 27.37
CA ARG A 229 5.44 -3.32 28.64
C ARG A 229 4.60 -3.73 29.84
N LEU A 230 3.27 -3.80 29.68
CA LEU A 230 2.41 -4.26 30.76
C LEU A 230 2.79 -5.70 31.12
N LEU A 231 3.13 -6.53 30.12
CA LEU A 231 3.49 -7.91 30.50
C LEU A 231 4.87 -7.97 31.16
N HIS A 232 5.76 -7.08 30.67
CA HIS A 232 7.08 -6.91 31.25
C HIS A 232 6.94 -6.57 32.76
N GLU A 233 5.98 -5.70 33.07
CA GLU A 233 5.79 -5.20 34.47
C GLU A 233 5.16 -6.27 35.33
N ALA A 234 4.38 -7.15 34.76
CA ALA A 234 3.82 -8.23 35.52
C ALA A 234 4.80 -9.39 35.71
N ASP A 235 5.81 -9.50 34.84
CA ASP A 235 6.67 -10.69 34.77
C ASP A 235 8.07 -10.39 34.32
N LYS A 236 8.96 -10.27 35.30
CA LYS A 236 10.31 -9.85 35.02
C LYS A 236 11.12 -10.83 34.19
N GLU A 237 10.68 -12.08 34.10
CA GLU A 237 11.44 -13.08 33.36
C GLU A 237 11.07 -13.10 31.87
N LEU A 238 9.94 -12.50 31.54
CA LEU A 238 9.51 -12.47 30.09
C LEU A 238 10.51 -11.72 29.21
N GLU A 239 10.86 -12.27 28.02
CA GLU A 239 11.87 -11.62 27.16
C GLU A 239 11.17 -11.06 25.93
N PHE A 240 11.77 -10.06 25.32
CA PHE A 240 11.10 -9.40 24.15
C PHE A 240 12.06 -9.32 23.01
N SER A 241 11.60 -9.71 21.83
CA SER A 241 12.40 -9.63 20.61
C SER A 241 11.69 -8.75 19.57
N LEU A 242 12.44 -8.03 18.76
CA LEU A 242 11.86 -7.41 17.58
C LEU A 242 12.14 -8.30 16.37
N SER A 243 11.09 -8.65 15.62
CA SER A 243 11.35 -9.28 14.29
C SER A 243 11.29 -8.27 13.18
N ILE A 244 12.37 -8.15 12.43
CA ILE A 244 12.41 -7.22 11.32
C ILE A 244 12.23 -8.06 10.04
N GLY A 245 11.29 -7.65 9.17
CA GLY A 245 11.14 -8.29 7.86
C GLY A 245 9.87 -9.14 7.81
N GLY A 246 10.03 -10.47 7.69
CA GLY A 246 8.86 -11.29 7.45
C GLY A 246 8.57 -11.39 5.94
N TRP A 247 7.53 -12.14 5.58
CA TRP A 247 7.34 -12.52 4.18
C TRP A 247 7.12 -11.30 3.28
N SER A 248 6.33 -10.32 3.74
CA SER A 248 5.97 -9.16 2.86
C SER A 248 6.99 -8.04 2.91
N MET A 249 7.93 -8.14 3.86
CA MET A 249 8.87 -7.04 4.06
C MET A 249 10.35 -7.47 4.00
N SER A 250 10.66 -8.33 3.03
CA SER A 250 12.08 -8.79 2.83
C SER A 250 12.66 -8.22 1.54
N GLY A 251 11.94 -7.29 0.91
CA GLY A 251 12.30 -6.74 -0.40
C GLY A 251 13.57 -5.89 -0.41
N LEU A 252 13.97 -5.38 0.74
CA LEU A 252 15.07 -4.42 0.80
C LEU A 252 16.37 -5.05 1.36
N PHE A 253 16.32 -6.28 1.89
CA PHE A 253 17.48 -6.84 2.62
C PHE A 253 18.71 -7.01 1.72
N SER A 254 18.50 -7.59 0.54
CA SER A 254 19.62 -7.90 -0.35
C SER A 254 20.40 -6.63 -0.65
N GLU A 255 19.68 -5.56 -0.98
CA GLU A 255 20.29 -4.25 -1.26
C GLU A 255 21.04 -3.67 -0.06
N ILE A 256 20.41 -3.70 1.11
CA ILE A 256 21.05 -3.23 2.35
C ILE A 256 22.34 -4.00 2.64
N ALA A 257 22.27 -5.34 2.59
CA ALA A 257 23.39 -6.15 3.09
C ALA A 257 24.66 -5.94 2.24
N LYS A 258 24.49 -5.59 0.95
CA LYS A 258 25.62 -5.39 0.05
C LYS A 258 26.34 -4.09 0.35
N ASP A 259 25.71 -3.17 1.08
CA ASP A 259 26.19 -1.77 1.03
C ASP A 259 26.63 -1.27 2.38
N GLU A 260 27.87 -0.79 2.50
CA GLU A 260 28.44 -0.32 3.75
CA GLU A 260 28.34 -0.46 3.82
C GLU A 260 27.54 0.71 4.42
N ILE A 261 27.13 1.71 3.63
CA ILE A 261 26.34 2.84 4.15
CA ILE A 261 26.39 2.83 4.22
C ILE A 261 25.01 2.34 4.65
N LEU A 262 24.36 1.51 3.85
CA LEU A 262 23.06 0.97 4.27
C LEU A 262 23.15 0.05 5.49
N ARG A 263 24.22 -0.75 5.57
CA ARG A 263 24.39 -1.62 6.73
C ARG A 263 24.54 -0.71 7.93
N THR A 264 25.25 0.39 7.78
CA THR A 264 25.49 1.29 8.91
C THR A 264 24.17 1.93 9.38
N ASN A 265 23.32 2.33 8.42
CA ASN A 265 21.97 2.85 8.77
C ASN A 265 21.20 1.78 9.49
N PHE A 266 21.32 0.54 9.00
CA PHE A 266 20.58 -0.55 9.62
C PHE A 266 20.99 -0.78 11.09
N VAL A 267 22.29 -0.75 11.36
CA VAL A 267 22.81 -0.92 12.70
C VAL A 267 22.30 0.25 13.58
N GLU A 268 22.31 1.46 13.04
CA GLU A 268 21.76 2.63 13.75
C GLU A 268 20.31 2.41 14.08
N GLY A 269 19.57 1.77 13.18
CA GLY A 269 18.14 1.46 13.42
C GLY A 269 17.99 0.58 14.64
N ILE A 270 18.90 -0.39 14.78
CA ILE A 270 18.83 -1.32 15.89
C ILE A 270 19.19 -0.55 17.15
N LYS A 271 20.27 0.23 17.09
CA LYS A 271 20.63 0.97 18.31
C LYS A 271 19.50 1.89 18.81
N ASP A 272 18.93 2.66 17.88
CA ASP A 272 17.81 3.53 18.20
C ASP A 272 16.64 2.76 18.83
N PHE A 273 16.18 1.67 18.20
CA PHE A 273 15.04 0.96 18.77
C PHE A 273 15.36 0.40 20.15
N PHE A 274 16.58 -0.14 20.32
CA PHE A 274 16.96 -0.72 21.60
C PHE A 274 17.18 0.32 22.71
N GLN A 275 17.47 1.54 22.33
CA GLN A 275 17.56 2.64 23.28
CA GLN A 275 17.56 2.63 23.27
C GLN A 275 16.17 3.11 23.68
N ARG A 276 15.26 3.17 22.70
CA ARG A 276 13.86 3.60 22.97
C ARG A 276 13.09 2.57 23.83
N PHE A 277 13.44 1.29 23.68
CA PHE A 277 12.72 0.20 24.34
C PHE A 277 13.72 -0.73 25.06
N PRO A 278 14.25 -0.23 26.20
CA PRO A 278 15.29 -1.05 26.90
C PRO A 278 14.86 -2.45 27.32
N MET A 279 13.55 -2.70 27.41
CA MET A 279 13.14 -4.01 27.79
C MET A 279 13.41 -5.06 26.72
N PHE A 280 13.65 -4.65 25.48
CA PHE A 280 13.99 -5.63 24.43
C PHE A 280 15.40 -6.19 24.63
N SER A 281 15.57 -7.48 24.34
CA SER A 281 16.92 -8.09 24.51
C SER A 281 17.31 -8.99 23.34
N HIS A 282 16.37 -9.23 22.41
CA HIS A 282 16.66 -10.13 21.24
C HIS A 282 16.22 -9.50 19.93
N LEU A 283 16.81 -10.00 18.83
CA LEU A 283 16.52 -9.47 17.50
C LEU A 283 16.27 -10.68 16.62
N ASP A 284 15.16 -10.69 15.88
CA ASP A 284 14.92 -11.76 14.87
C ASP A 284 14.99 -11.06 13.52
N ILE A 285 16.02 -11.30 12.73
CA ILE A 285 16.08 -10.67 11.38
C ILE A 285 15.53 -11.71 10.42
N ASP A 286 14.22 -11.58 10.14
CA ASP A 286 13.49 -12.61 9.39
C ASP A 286 13.47 -12.25 7.92
N TRP A 287 14.69 -12.23 7.35
CA TRP A 287 14.85 -12.05 5.92
C TRP A 287 14.50 -13.35 5.27
N GLU A 288 13.40 -13.31 4.48
CA GLU A 288 12.87 -14.53 3.86
C GLU A 288 13.00 -14.40 2.34
N TYR A 289 14.11 -14.88 1.75
CA TYR A 289 15.22 -15.60 2.37
C TYR A 289 16.47 -15.14 1.60
N PRO A 290 17.60 -15.06 2.31
CA PRO A 290 18.79 -14.76 1.50
C PRO A 290 19.05 -15.81 0.41
N GLY A 291 19.36 -15.33 -0.79
CA GLY A 291 19.81 -16.21 -1.85
C GLY A 291 18.67 -16.83 -2.66
N SER A 292 17.42 -16.52 -2.31
CA SER A 292 16.28 -17.06 -3.08
C SER A 292 15.16 -16.02 -3.24
N ILE A 293 14.12 -16.40 -3.98
CA ILE A 293 13.08 -15.47 -4.40
C ILE A 293 12.13 -14.96 -3.29
N GLY A 294 11.84 -15.78 -2.30
CA GLY A 294 10.80 -15.46 -1.28
C GLY A 294 9.55 -14.92 -1.99
N ALA A 295 9.09 -13.76 -1.53
CA ALA A 295 7.78 -13.19 -1.97
C ALA A 295 7.94 -12.46 -3.28
N GLY A 296 9.12 -12.55 -3.87
CA GLY A 296 9.43 -11.74 -5.05
C GLY A 296 10.41 -10.63 -4.72
N ASN A 297 11.55 -11.00 -4.15
CA ASN A 297 12.51 -9.96 -3.70
C ASN A 297 13.77 -9.94 -4.55
N PRO A 298 14.43 -8.77 -4.62
CA PRO A 298 15.81 -8.84 -5.10
C PRO A 298 16.59 -9.91 -4.30
N ASN A 299 17.47 -10.66 -4.98
CA ASN A 299 18.24 -11.67 -4.26
C ASN A 299 19.50 -11.97 -5.04
N SER A 300 20.47 -12.53 -4.35
CA SER A 300 21.83 -12.74 -4.91
C SER A 300 22.49 -13.92 -4.20
N PRO A 301 23.36 -14.67 -4.93
CA PRO A 301 24.09 -15.78 -4.26
C PRO A 301 24.91 -15.28 -3.09
N ASP A 302 25.32 -14.01 -3.16
CA ASP A 302 26.10 -13.33 -2.12
CA ASP A 302 26.13 -13.45 -2.06
C ASP A 302 25.29 -12.97 -0.87
N ASP A 303 23.96 -13.15 -0.91
CA ASP A 303 23.14 -12.62 0.18
C ASP A 303 23.56 -13.12 1.55
N GLY A 304 23.79 -14.43 1.73
CA GLY A 304 24.08 -14.99 3.06
C GLY A 304 25.42 -14.43 3.59
N ALA A 305 26.42 -14.38 2.72
CA ALA A 305 27.73 -13.80 3.11
C ALA A 305 27.63 -12.32 3.47
N ASN A 306 26.82 -11.59 2.70
CA ASN A 306 26.57 -10.19 3.01
C ASN A 306 25.79 -10.02 4.31
N PHE A 307 24.81 -10.89 4.55
CA PHE A 307 24.04 -10.88 5.78
C PHE A 307 24.96 -11.16 6.97
N ALA A 308 25.98 -11.98 6.77
CA ALA A 308 26.89 -12.30 7.88
C ALA A 308 27.71 -11.06 8.28
N ILE A 309 28.11 -10.27 7.29
CA ILE A 309 28.79 -8.97 7.57
CA ILE A 309 28.79 -8.98 7.55
C ILE A 309 27.87 -8.10 8.40
N LEU A 310 26.60 -8.00 7.98
CA LEU A 310 25.63 -7.21 8.73
C LEU A 310 25.47 -7.69 10.17
N ILE A 311 25.34 -8.99 10.40
CA ILE A 311 25.22 -9.55 11.74
CA ILE A 311 25.18 -9.46 11.76
C ILE A 311 26.42 -9.14 12.62
N GLN A 312 27.63 -9.31 12.06
CA GLN A 312 28.81 -8.95 12.78
C GLN A 312 28.79 -7.45 13.10
N GLN A 313 28.37 -6.65 12.13
CA GLN A 313 28.36 -5.17 12.31
C GLN A 313 27.41 -4.75 13.44
N ILE A 314 26.30 -5.49 13.56
CA ILE A 314 25.33 -5.22 14.65
C ILE A 314 25.97 -5.62 15.96
N THR A 315 26.61 -6.78 16.00
CA THR A 315 27.32 -7.25 17.21
C THR A 315 28.37 -6.22 17.67
N ASP A 316 29.07 -5.67 16.70
CA ASP A 316 30.19 -4.75 16.94
C ASP A 316 29.72 -3.41 17.54
N ALA A 317 28.43 -3.08 17.36
CA ALA A 317 27.90 -1.81 17.86
C ALA A 317 27.86 -1.82 19.39
N LYS A 318 27.89 -3.02 19.98
CA LYS A 318 27.88 -3.26 21.41
C LYS A 318 26.65 -2.62 22.09
N ILE A 319 25.48 -2.97 21.56
CA ILE A 319 24.23 -2.46 22.09
C ILE A 319 24.04 -3.22 23.40
N SER A 320 24.06 -2.52 24.54
CA SER A 320 24.22 -3.25 25.83
C SER A 320 23.07 -4.24 26.13
N ASN A 321 21.85 -3.91 25.73
CA ASN A 321 20.74 -4.79 26.00
C ASN A 321 20.57 -5.89 24.93
N LEU A 322 21.27 -5.83 23.82
CA LEU A 322 21.03 -6.90 22.81
C LEU A 322 21.88 -8.17 23.10
N LYS A 323 21.20 -9.23 23.53
CA LYS A 323 21.86 -10.47 23.97
C LYS A 323 21.92 -11.53 22.89
N GLY A 324 21.05 -11.44 21.87
CA GLY A 324 21.04 -12.51 20.86
C GLY A 324 20.39 -12.10 19.55
N ILE A 325 20.88 -12.66 18.43
CA ILE A 325 20.29 -12.39 17.10
C ILE A 325 19.92 -13.74 16.49
N SER A 326 18.66 -13.85 16.05
CA SER A 326 18.17 -15.03 15.34
CA SER A 326 18.16 -15.04 15.35
C SER A 326 17.89 -14.66 13.89
N ILE A 327 17.84 -15.65 13.01
CA ILE A 327 17.52 -15.40 11.61
C ILE A 327 16.44 -16.37 11.19
N ALA A 328 15.86 -16.17 10.02
CA ALA A 328 14.86 -17.14 9.46
C ALA A 328 15.52 -18.12 8.51
N SER A 329 15.03 -19.35 8.47
CA SER A 329 15.48 -20.27 7.40
C SER A 329 14.25 -20.95 6.77
N SER A 330 14.29 -21.16 5.46
CA SER A 330 13.27 -21.96 4.78
C SER A 330 13.43 -23.39 5.24
N ALA A 331 12.38 -24.20 5.12
CA ALA A 331 12.49 -25.64 5.30
C ALA A 331 12.87 -26.44 4.01
N ASP A 332 13.01 -25.76 2.88
CA ASP A 332 13.32 -26.42 1.59
C ASP A 332 14.85 -26.54 1.53
N PRO A 333 15.41 -27.75 1.48
CA PRO A 333 16.89 -27.85 1.55
C PRO A 333 17.62 -27.05 0.44
N ALA A 334 17.00 -26.92 -0.72
CA ALA A 334 17.60 -26.14 -1.80
C ALA A 334 17.69 -24.66 -1.42
N LYS A 335 16.69 -24.20 -0.70
CA LYS A 335 16.69 -22.80 -0.28
C LYS A 335 17.62 -22.60 0.90
N ILE A 336 17.72 -23.63 1.75
CA ILE A 336 18.73 -23.62 2.83
C ILE A 336 20.11 -23.51 2.18
N ASP A 337 20.38 -24.31 1.16
CA ASP A 337 21.73 -24.26 0.55
C ASP A 337 22.01 -22.87 0.05
N ALA A 338 21.00 -22.25 -0.54
CA ALA A 338 21.19 -20.97 -1.17
C ALA A 338 21.43 -19.84 -0.17
N ALA A 339 21.04 -20.05 1.09
CA ALA A 339 21.08 -19.00 2.12
C ALA A 339 22.44 -18.84 2.75
N ASN A 340 23.35 -19.79 2.50
CA ASN A 340 24.65 -19.78 3.19
C ASN A 340 24.58 -19.68 4.72
N ILE A 341 23.90 -20.66 5.32
CA ILE A 341 23.71 -20.72 6.75
C ILE A 341 25.04 -20.75 7.52
N PRO A 342 26.02 -21.54 7.03
CA PRO A 342 27.37 -21.47 7.62
C PRO A 342 27.92 -20.03 7.83
N ALA A 343 27.84 -19.16 6.83
CA ALA A 343 28.35 -17.79 6.99
C ALA A 343 27.63 -17.14 8.19
N LEU A 344 26.31 -17.35 8.28
CA LEU A 344 25.54 -16.68 9.34
C LEU A 344 25.94 -17.22 10.70
N MET A 345 26.18 -18.53 10.81
CA MET A 345 26.58 -19.04 12.14
C MET A 345 28.01 -18.60 12.50
N ASP A 346 28.85 -18.40 11.48
CA ASP A 346 30.25 -17.94 11.66
C ASP A 346 30.28 -16.46 12.13
N ALA A 347 29.19 -15.75 11.87
CA ALA A 347 29.06 -14.39 12.37
C ALA A 347 28.35 -14.29 13.74
N GLY A 348 28.05 -15.41 14.40
CA GLY A 348 27.59 -15.37 15.79
C GLY A 348 26.08 -15.37 16.00
N VAL A 349 25.34 -15.59 14.94
CA VAL A 349 23.91 -15.85 15.11
C VAL A 349 23.66 -16.93 16.16
N THR A 350 22.67 -16.73 17.05
CA THR A 350 22.45 -17.64 18.16
C THR A 350 21.17 -18.45 18.06
N GLY A 351 20.31 -18.08 17.11
CA GLY A 351 19.09 -18.84 16.86
C GLY A 351 18.69 -18.87 15.39
N ILE A 352 18.03 -19.97 14.99
CA ILE A 352 17.50 -20.07 13.66
C ILE A 352 16.03 -20.40 13.87
N ASN A 353 15.17 -19.50 13.43
CA ASN A 353 13.76 -19.84 13.46
C ASN A 353 13.44 -20.50 12.12
N LEU A 354 13.30 -21.83 12.16
CA LEU A 354 13.05 -22.65 10.98
C LEU A 354 11.57 -22.54 10.61
N MET A 355 11.28 -21.96 9.44
CA MET A 355 9.88 -21.56 9.16
C MET A 355 9.15 -22.79 8.64
N THR A 356 8.82 -23.65 9.58
CA THR A 356 8.20 -24.97 9.22
C THR A 356 6.69 -24.87 9.14
N TYR A 357 6.19 -24.11 8.13
CA TYR A 357 4.73 -23.94 7.96
C TYR A 357 4.59 -23.51 6.48
N ASP A 358 3.37 -23.43 6.00
CA ASP A 358 3.09 -23.06 4.60
C ASP A 358 3.70 -24.05 3.60
N PHE A 359 3.79 -25.33 3.97
CA PHE A 359 4.41 -26.31 3.08
C PHE A 359 3.45 -26.62 1.93
N PHE A 360 2.16 -26.39 2.19
CA PHE A 360 1.08 -26.50 1.20
C PHE A 360 0.84 -25.10 0.60
N THR A 361 1.17 -24.98 -0.68
CA THR A 361 0.97 -23.75 -1.45
C THR A 361 0.09 -24.16 -2.62
N LEU A 362 -0.95 -23.36 -2.89
CA LEU A 362 -1.86 -23.62 -4.02
C LEU A 362 -1.13 -23.43 -5.33
N GLY A 363 -1.47 -24.25 -6.31
CA GLY A 363 -0.85 -24.06 -7.61
C GLY A 363 -0.60 -25.33 -8.39
N ASP A 364 -0.39 -26.47 -7.72
CA ASP A 364 0.16 -27.62 -8.44
C ASP A 364 -0.88 -28.74 -8.37
N GLY A 365 -2.04 -28.44 -7.81
CA GLY A 365 -3.16 -29.35 -7.88
C GLY A 365 -3.10 -30.55 -6.95
N LYS A 366 -2.10 -30.59 -6.06
CA LYS A 366 -1.97 -31.69 -5.10
C LYS A 366 -2.11 -31.18 -3.67
N LEU A 367 -2.83 -31.94 -2.87
CA LEU A 367 -3.00 -31.63 -1.44
C LEU A 367 -1.66 -31.89 -0.72
N SER A 368 -1.50 -31.31 0.46
CA SER A 368 -0.21 -31.41 1.18
C SER A 368 -0.52 -31.03 2.63
N HIS A 369 0.25 -31.58 3.56
CA HIS A 369 0.27 -31.06 4.90
C HIS A 369 1.05 -29.75 4.84
N HIS A 370 0.70 -28.81 5.74
CA HIS A 370 1.38 -27.50 5.71
C HIS A 370 2.48 -27.33 6.76
N THR A 371 2.49 -28.14 7.81
CA THR A 371 3.47 -27.91 8.89
C THR A 371 3.85 -29.26 9.56
N ASN A 372 4.04 -30.31 8.73
CA ASN A 372 4.16 -31.68 9.24
C ASN A 372 5.59 -31.98 9.68
N ILE A 373 5.73 -32.83 10.69
CA ILE A 373 7.05 -33.20 11.18
C ILE A 373 7.78 -34.11 10.19
N TYR A 374 7.08 -35.13 9.68
CA TYR A 374 7.76 -36.15 8.86
C TYR A 374 7.14 -36.23 7.47
N ARG A 375 7.91 -36.82 6.57
CA ARG A 375 7.36 -37.27 5.28
C ARG A 375 8.20 -38.41 4.75
N ASP A 376 7.57 -39.29 3.97
CA ASP A 376 8.29 -40.21 3.12
C ASP A 376 9.11 -39.43 2.09
N PRO A 377 10.37 -39.86 1.87
CA PRO A 377 11.28 -39.12 1.01
C PRO A 377 10.76 -39.02 -0.44
N SER A 378 9.93 -39.96 -0.87
CA SER A 378 9.42 -39.92 -2.25
CA SER A 378 9.41 -39.92 -2.24
C SER A 378 8.06 -39.20 -2.34
N ASP A 379 7.59 -38.63 -1.23
CA ASP A 379 6.29 -37.96 -1.21
C ASP A 379 6.23 -36.72 -2.15
N VAL A 380 5.36 -36.76 -3.16
CA VAL A 380 5.14 -35.60 -4.04
C VAL A 380 3.95 -34.69 -3.68
N TYR A 381 3.19 -35.06 -2.65
CA TYR A 381 2.09 -34.28 -2.14
C TYR A 381 2.65 -33.37 -1.02
N SER A 382 3.05 -33.98 0.08
CA SER A 382 3.73 -33.22 1.18
C SER A 382 5.22 -33.26 0.85
N LYS A 383 5.71 -32.19 0.25
CA LYS A 383 7.07 -32.14 -0.28
C LYS A 383 8.13 -31.71 0.73
N TYR A 384 7.69 -31.17 1.87
CA TYR A 384 8.62 -30.65 2.88
C TYR A 384 8.26 -31.22 4.23
N SER A 385 9.21 -31.21 5.15
CA SER A 385 8.91 -31.62 6.54
C SER A 385 9.89 -30.97 7.49
N ILE A 386 9.47 -30.85 8.74
CA ILE A 386 10.38 -30.32 9.77
C ILE A 386 11.65 -31.18 9.82
N ASP A 387 11.43 -32.49 9.77
CA ASP A 387 12.56 -33.40 9.95
C ASP A 387 13.58 -33.32 8.80
N ASP A 388 13.13 -33.20 7.55
CA ASP A 388 14.02 -33.04 6.43
C ASP A 388 14.84 -31.80 6.63
N ALA A 389 14.17 -30.75 7.09
CA ALA A 389 14.91 -29.48 7.19
C ALA A 389 15.91 -29.48 8.32
N VAL A 390 15.46 -29.95 9.47
CA VAL A 390 16.32 -30.07 10.66
C VAL A 390 17.57 -30.95 10.36
N THR A 391 17.32 -32.13 9.76
CA THR A 391 18.40 -33.04 9.39
C THR A 391 19.36 -32.38 8.48
N HIS A 392 18.86 -31.59 7.53
CA HIS A 392 19.70 -30.89 6.57
C HIS A 392 20.60 -29.88 7.30
N LEU A 393 19.99 -29.08 8.18
CA LEU A 393 20.78 -28.08 8.93
C LEU A 393 21.88 -28.71 9.78
N ILE A 394 21.55 -29.76 10.50
CA ILE A 394 22.48 -30.35 11.47
C ILE A 394 23.53 -31.18 10.71
N ASP A 395 23.06 -32.02 9.79
CA ASP A 395 23.98 -32.96 9.14
C ASP A 395 24.77 -32.34 8.04
N GLU A 396 24.16 -31.55 7.15
CA GLU A 396 24.92 -30.98 6.05
CA GLU A 396 24.92 -30.96 6.05
C GLU A 396 25.56 -29.63 6.40
N LYS A 397 24.84 -28.80 7.15
CA LYS A 397 25.37 -27.48 7.41
C LYS A 397 26.04 -27.36 8.77
N LYS A 398 26.04 -28.45 9.54
CA LYS A 398 26.77 -28.50 10.83
C LYS A 398 26.33 -27.41 11.83
N VAL A 399 25.04 -27.11 11.83
CA VAL A 399 24.46 -26.18 12.77
C VAL A 399 24.32 -26.89 14.08
N ASP A 400 24.63 -26.20 15.17
CA ASP A 400 24.34 -26.67 16.52
C ASP A 400 22.84 -26.87 16.72
N PRO A 401 22.42 -28.08 17.05
CA PRO A 401 20.99 -28.41 17.15
C PRO A 401 20.25 -27.47 18.10
N LYS A 402 20.95 -27.06 19.18
CA LYS A 402 20.35 -26.23 20.20
C LYS A 402 19.99 -24.82 19.66
N ALA A 403 20.56 -24.43 18.53
CA ALA A 403 20.26 -23.11 17.89
C ALA A 403 18.91 -23.08 17.16
N ILE A 404 18.39 -24.28 16.85
CA ILE A 404 17.23 -24.44 15.99
C ILE A 404 15.92 -24.41 16.72
N PHE A 405 15.00 -23.56 16.23
CA PHE A 405 13.63 -23.51 16.71
C PHE A 405 12.68 -23.88 15.58
N ILE A 406 11.76 -24.78 15.86
CA ILE A 406 10.80 -25.23 14.85
C ILE A 406 9.43 -24.63 15.12
N GLY A 407 8.65 -24.44 14.05
CA GLY A 407 7.36 -23.76 14.18
C GLY A 407 6.13 -24.63 14.32
N TYR A 408 5.21 -24.19 15.16
CA TYR A 408 3.85 -24.70 15.10
C TYR A 408 2.90 -23.59 14.68
N ALA A 409 1.75 -23.94 14.12
CA ALA A 409 0.95 -22.93 13.38
C ALA A 409 -0.42 -22.75 13.98
N GLY A 410 -0.87 -21.49 14.09
CA GLY A 410 -2.17 -21.15 14.65
C GLY A 410 -3.24 -21.03 13.57
N TYR A 411 -2.91 -21.53 12.37
CA TYR A 411 -3.79 -21.37 11.23
C TYR A 411 -3.59 -22.59 10.29
N THR A 412 -4.45 -22.61 9.28
CA THR A 412 -4.52 -23.74 8.35
C THR A 412 -4.19 -23.33 6.88
N ARG A 413 -4.04 -24.35 6.02
CA ARG A 413 -3.90 -24.13 4.59
C ARG A 413 -4.90 -25.14 3.98
N ASN A 414 -5.84 -24.59 3.20
CA ASN A 414 -6.97 -25.36 2.73
C ASN A 414 -7.00 -25.40 1.19
N ALA A 415 -7.81 -26.35 0.65
CA ALA A 415 -8.21 -26.28 -0.76
C ALA A 415 -9.64 -26.82 -0.85
N LYS A 416 -10.49 -26.09 -1.57
CA LYS A 416 -11.83 -26.56 -1.88
C LYS A 416 -11.71 -27.43 -3.14
N ASN A 417 -12.83 -27.99 -3.58
CA ASN A 417 -12.83 -28.94 -4.72
C ASN A 417 -11.76 -30.02 -4.59
N ALA A 418 -11.59 -30.58 -3.40
CA ALA A 418 -10.48 -31.45 -3.10
C ALA A 418 -10.97 -32.87 -3.05
N THR A 419 -10.10 -33.80 -3.41
CA THR A 419 -10.39 -35.26 -3.34
C THR A 419 -9.28 -35.97 -2.60
N ILE A 420 -9.64 -36.74 -1.56
CA ILE A 420 -8.66 -37.53 -0.87
C ILE A 420 -8.49 -38.84 -1.63
N THR A 421 -7.27 -39.15 -2.09
CA THR A 421 -7.01 -40.40 -2.84
C THR A 421 -6.29 -41.48 -2.04
N THR A 422 -5.86 -41.19 -0.81
CA THR A 422 -5.21 -42.21 0.05
C THR A 422 -6.10 -43.46 0.12
N SER A 423 -5.51 -44.65 0.00
CA SER A 423 -6.34 -45.90 0.02
C SER A 423 -6.95 -46.21 1.40
N ILE A 424 -6.13 -46.12 2.44
CA ILE A 424 -6.55 -46.35 3.83
C ILE A 424 -6.07 -45.11 4.61
N PRO A 425 -6.90 -44.06 4.66
CA PRO A 425 -6.50 -42.79 5.31
C PRO A 425 -6.01 -42.96 6.75
N SER A 426 -6.58 -43.93 7.47
CA SER A 426 -6.21 -44.16 8.88
C SER A 426 -4.82 -44.79 9.05
N GLU A 427 -4.24 -45.31 7.97
CA GLU A 427 -2.95 -45.99 8.09
C GLU A 427 -1.89 -45.50 7.14
N GLU A 428 -2.28 -44.77 6.07
CA GLU A 428 -1.32 -44.45 5.01
C GLU A 428 -1.08 -42.95 4.91
N ALA A 429 -0.04 -42.56 4.18
CA ALA A 429 0.28 -41.13 3.98
C ALA A 429 -0.83 -40.44 3.18
N LEU A 430 -1.15 -39.19 3.56
CA LEU A 430 -2.05 -38.35 2.79
C LEU A 430 -1.59 -38.25 1.30
N LYS A 431 -2.54 -38.50 0.40
CA LYS A 431 -2.43 -38.23 -1.06
C LYS A 431 -3.79 -37.67 -1.44
N GLY A 432 -3.83 -36.76 -2.40
CA GLY A 432 -5.09 -36.16 -2.80
C GLY A 432 -4.88 -35.06 -3.81
N THR A 433 -5.96 -34.63 -4.44
CA THR A 433 -5.84 -33.59 -5.49
C THR A 433 -6.99 -32.58 -5.39
N TYR A 434 -6.86 -31.45 -6.07
CA TYR A 434 -7.96 -30.49 -6.16
C TYR A 434 -7.96 -29.85 -7.54
N THR A 435 -9.09 -29.28 -7.91
CA THR A 435 -9.16 -28.61 -9.20
C THR A 435 -9.07 -27.10 -8.98
N ASP A 436 -10.21 -26.47 -8.79
CA ASP A 436 -10.22 -25.01 -8.73
C ASP A 436 -10.31 -24.55 -7.28
N ALA A 437 -9.19 -24.06 -6.76
CA ALA A 437 -9.15 -23.68 -5.33
C ALA A 437 -9.07 -22.16 -5.14
N ASN A 438 -9.21 -21.38 -6.21
CA ASN A 438 -9.37 -19.95 -6.02
C ASN A 438 -10.57 -19.66 -5.08
N GLN A 439 -10.46 -18.64 -4.23
CA GLN A 439 -11.53 -18.36 -3.27
C GLN A 439 -11.98 -19.56 -2.44
N THR A 440 -11.04 -20.22 -1.76
CA THR A 440 -11.34 -21.33 -0.86
C THR A 440 -11.62 -20.72 0.50
N LEU A 441 -12.56 -21.35 1.21
CA LEU A 441 -12.85 -21.09 2.61
C LEU A 441 -11.66 -20.60 3.44
N GLY A 442 -11.85 -19.49 4.14
CA GLY A 442 -10.90 -19.07 5.18
C GLY A 442 -11.52 -18.14 6.20
N SER A 443 -10.68 -17.53 7.04
CA SER A 443 -11.14 -16.62 8.11
C SER A 443 -11.03 -15.16 7.70
N PHE A 444 -9.80 -14.75 7.40
CA PHE A 444 -9.51 -13.37 7.02
C PHE A 444 -8.90 -13.26 5.63
N GLU A 445 -8.45 -14.38 5.07
CA GLU A 445 -7.92 -14.37 3.70
C GLU A 445 -8.24 -15.72 3.14
N TYR A 446 -8.48 -15.79 1.83
CA TYR A 446 -8.94 -17.07 1.21
C TYR A 446 -7.91 -18.18 1.44
N SER A 447 -8.39 -19.40 1.72
CA SER A 447 -7.60 -20.64 1.93
C SER A 447 -6.93 -20.86 3.31
N VAL A 448 -7.03 -19.87 4.21
CA VAL A 448 -6.43 -19.96 5.54
C VAL A 448 -7.53 -19.74 6.59
N LEU A 449 -7.86 -20.80 7.33
CA LEU A 449 -8.68 -20.65 8.56
C LEU A 449 -7.75 -20.44 9.73
N GLU A 450 -8.20 -19.69 10.76
CA GLU A 450 -7.39 -19.54 11.95
C GLU A 450 -7.93 -20.37 13.11
N TRP A 451 -7.18 -20.42 14.20
CA TRP A 451 -7.41 -21.42 15.23
C TRP A 451 -8.81 -21.29 15.82
N THR A 452 -9.27 -20.06 16.01
CA THR A 452 -10.61 -19.89 16.66
C THR A 452 -11.69 -20.54 15.83
N ASP A 453 -11.62 -20.34 14.51
CA ASP A 453 -12.60 -21.00 13.63
C ASP A 453 -12.56 -22.51 13.77
N ILE A 454 -11.35 -23.03 13.83
CA ILE A 454 -11.16 -24.49 13.96
C ILE A 454 -11.91 -25.02 15.18
N ILE A 455 -11.67 -24.43 16.35
CA ILE A 455 -12.24 -25.03 17.58
C ILE A 455 -13.71 -24.73 17.73
N CYS A 456 -14.17 -23.62 17.13
CA CYS A 456 -15.61 -23.28 17.18
C CYS A 456 -16.45 -23.97 16.13
N HIS A 457 -15.93 -24.19 14.91
CA HIS A 457 -16.80 -24.66 13.82
C HIS A 457 -16.32 -25.90 13.03
N TYR A 458 -15.05 -26.29 13.24
CA TYR A 458 -14.48 -27.42 12.48
C TYR A 458 -14.12 -28.67 13.27
N MET A 459 -13.65 -28.49 14.50
CA MET A 459 -13.21 -29.64 15.31
CA MET A 459 -13.21 -29.62 15.30
C MET A 459 -13.69 -29.45 16.74
N ASP A 460 -14.24 -30.52 17.32
CA ASP A 460 -14.69 -30.52 18.73
C ASP A 460 -13.75 -31.40 19.54
N PHE A 461 -12.68 -30.78 20.04
CA PHE A 461 -11.63 -31.53 20.74
C PHE A 461 -12.11 -32.13 22.06
N GLU A 462 -13.17 -31.54 22.60
CA GLU A 462 -13.76 -32.04 23.84
C GLU A 462 -14.51 -33.35 23.60
N LYS A 463 -15.23 -33.45 22.50
CA LYS A 463 -15.97 -34.68 22.17
C LYS A 463 -15.06 -35.62 21.40
N GLY A 464 -13.90 -35.12 20.97
CA GLY A 464 -12.95 -35.91 20.21
C GLY A 464 -13.32 -36.14 18.75
N GLU A 465 -14.13 -35.26 18.16
CA GLU A 465 -14.52 -35.44 16.77
C GLU A 465 -14.82 -34.17 16.02
N GLY A 466 -14.85 -34.29 14.70
CA GLY A 466 -15.08 -33.14 13.85
C GLY A 466 -16.47 -32.58 14.00
N ARG A 467 -16.61 -31.30 13.68
CA ARG A 467 -17.90 -30.62 13.65
C ARG A 467 -18.42 -30.45 12.23
N ASN A 468 -19.74 -30.28 12.11
CA ASN A 468 -20.33 -29.75 10.90
C ASN A 468 -20.01 -30.50 9.60
N GLY A 469 -19.94 -31.82 9.69
CA GLY A 469 -19.71 -32.60 8.50
C GLY A 469 -18.23 -32.86 8.23
N TYR A 470 -17.35 -32.25 9.04
CA TYR A 470 -15.90 -32.51 8.91
C TYR A 470 -15.42 -33.67 9.79
N LYS A 471 -14.47 -34.44 9.27
CA LYS A 471 -13.85 -35.52 10.01
C LYS A 471 -12.34 -35.30 10.09
N LEU A 472 -11.77 -35.63 11.22
CA LEU A 472 -10.36 -35.50 11.47
C LEU A 472 -9.67 -36.83 11.16
N VAL A 473 -8.60 -36.74 10.37
CA VAL A 473 -7.79 -37.89 10.02
C VAL A 473 -6.37 -37.71 10.49
N HIS A 474 -5.84 -38.74 11.19
CA HIS A 474 -4.44 -38.76 11.54
C HIS A 474 -3.60 -39.49 10.50
N ASP A 475 -2.58 -38.81 9.97
CA ASP A 475 -1.73 -39.37 8.97
C ASP A 475 -0.50 -39.89 9.74
N LYS A 476 -0.36 -41.23 9.87
CA LYS A 476 0.72 -41.79 10.72
C LYS A 476 2.10 -41.66 10.10
N VAL A 477 2.17 -41.47 8.79
CA VAL A 477 3.49 -41.31 8.17
C VAL A 477 4.08 -39.91 8.50
N ALA A 478 3.25 -38.89 8.31
CA ALA A 478 3.63 -37.49 8.58
C ALA A 478 3.61 -37.11 10.07
N LYS A 479 2.87 -37.88 10.86
CA LYS A 479 2.44 -37.52 12.24
C LYS A 479 1.74 -36.13 12.26
N ALA A 480 0.79 -35.94 11.35
CA ALA A 480 0.04 -34.71 11.22
C ALA A 480 -1.40 -35.06 10.95
N ASP A 481 -2.29 -34.17 11.37
CA ASP A 481 -3.70 -34.36 11.22
C ASP A 481 -4.23 -33.44 10.12
N TYR A 482 -5.31 -33.86 9.47
CA TYR A 482 -6.03 -32.94 8.61
C TYR A 482 -7.54 -33.15 8.82
N LEU A 483 -8.33 -32.20 8.33
CA LEU A 483 -9.80 -32.22 8.37
C LEU A 483 -10.36 -32.26 6.97
N TYR A 484 -11.46 -33.00 6.77
CA TYR A 484 -11.99 -33.01 5.40
C TYR A 484 -13.50 -33.22 5.49
N SER A 485 -14.27 -32.51 4.66
CA SER A 485 -15.70 -32.78 4.59
C SER A 485 -16.05 -33.34 3.22
N GLU A 486 -16.62 -34.54 3.18
CA GLU A 486 -17.22 -35.08 1.94
C GLU A 486 -18.30 -34.14 1.32
N ALA A 487 -19.05 -33.45 2.18
CA ALA A 487 -20.10 -32.52 1.74
C ALA A 487 -19.56 -31.23 1.08
N THR A 488 -18.55 -30.59 1.67
CA THR A 488 -18.07 -29.32 1.10
C THR A 488 -16.89 -29.52 0.15
N LYS A 489 -16.27 -30.69 0.27
CA LYS A 489 -15.04 -31.07 -0.46
C LYS A 489 -13.89 -30.14 -0.10
N VAL A 490 -13.94 -29.59 1.10
CA VAL A 490 -12.81 -28.72 1.51
C VAL A 490 -11.82 -29.55 2.35
N PHE A 491 -10.54 -29.52 1.95
CA PHE A 491 -9.43 -30.07 2.70
C PHE A 491 -8.77 -28.95 3.55
N ILE A 492 -8.49 -29.30 4.80
CA ILE A 492 -7.91 -28.35 5.79
C ILE A 492 -6.68 -28.99 6.43
N SER A 493 -5.47 -28.47 6.17
CA SER A 493 -4.28 -28.93 6.88
C SER A 493 -4.04 -28.00 8.10
N LEU A 494 -3.86 -28.58 9.28
CA LEU A 494 -3.79 -27.80 10.51
C LEU A 494 -2.89 -28.51 11.48
N ASP A 495 -2.30 -27.74 12.38
CA ASP A 495 -1.76 -28.31 13.65
C ASP A 495 -2.87 -28.56 14.66
N THR A 496 -2.64 -29.58 15.50
CA THR A 496 -3.52 -29.95 16.57
C THR A 496 -2.67 -30.14 17.85
N PRO A 497 -3.34 -30.22 18.98
CA PRO A 497 -2.66 -30.55 20.23
C PRO A 497 -1.77 -31.78 20.06
N ARG A 498 -2.30 -32.80 19.41
CA ARG A 498 -1.54 -34.01 19.12
C ARG A 498 -0.28 -33.76 18.33
N SER A 499 -0.36 -33.03 17.20
CA SER A 499 0.88 -32.76 16.46
C SER A 499 1.81 -31.80 17.16
N VAL A 500 1.25 -30.81 17.87
CA VAL A 500 2.17 -29.84 18.53
C VAL A 500 2.88 -30.54 19.68
N ARG A 501 2.15 -31.37 20.42
CA ARG A 501 2.81 -32.22 21.42
C ARG A 501 3.93 -33.06 20.81
N ASP A 502 3.66 -33.67 19.65
CA ASP A 502 4.70 -34.41 18.98
C ASP A 502 5.84 -33.57 18.46
N LYS A 503 5.58 -32.31 18.09
CA LYS A 503 6.71 -31.43 17.82
C LYS A 503 7.56 -31.14 19.05
N GLY A 504 6.92 -30.96 20.20
CA GLY A 504 7.65 -30.75 21.46
C GLY A 504 8.51 -32.00 21.75
N ARG A 505 7.89 -33.17 21.58
CA ARG A 505 8.64 -34.43 21.69
C ARG A 505 9.85 -34.51 20.78
N TYR A 506 9.75 -34.08 19.52
CA TYR A 506 10.82 -34.07 18.55
C TYR A 506 11.95 -33.15 19.00
N VAL A 507 11.55 -31.98 19.50
CA VAL A 507 12.54 -30.97 19.93
C VAL A 507 13.43 -31.57 21.06
N LYS A 508 12.75 -32.20 22.01
CA LYS A 508 13.40 -32.82 23.19
C LYS A 508 14.28 -33.99 22.78
N ASP A 509 13.73 -34.91 22.00
CA ASP A 509 14.52 -36.05 21.49
C ASP A 509 15.78 -35.61 20.74
N LYS A 510 15.68 -34.51 20.00
CA LYS A 510 16.74 -34.13 19.09
C LYS A 510 17.62 -33.04 19.72
N GLY A 511 17.25 -32.59 20.92
CA GLY A 511 18.01 -31.55 21.62
C GLY A 511 18.00 -30.20 20.92
N LEU A 512 16.85 -29.83 20.35
CA LEU A 512 16.77 -28.56 19.62
C LEU A 512 16.65 -27.37 20.59
N GLY A 513 16.60 -26.15 20.07
CA GLY A 513 16.40 -24.95 20.93
C GLY A 513 15.01 -24.88 21.54
N GLY A 514 13.98 -25.31 20.79
CA GLY A 514 12.65 -25.13 21.24
C GLY A 514 11.73 -24.92 20.08
N LEU A 515 10.58 -24.31 20.35
CA LEU A 515 9.54 -24.07 19.35
C LEU A 515 9.10 -22.62 19.31
N PHE A 516 8.59 -22.18 18.15
CA PHE A 516 7.85 -20.94 18.15
C PHE A 516 6.46 -21.13 17.53
N ILE A 517 5.51 -20.30 17.92
CA ILE A 517 4.19 -20.30 17.28
C ILE A 517 4.08 -19.15 16.24
N TRP A 518 3.63 -19.53 15.03
CA TRP A 518 3.27 -18.54 14.00
C TRP A 518 1.76 -18.65 13.79
N SER A 519 0.99 -17.70 14.32
CA SER A 519 1.42 -16.66 15.29
C SER A 519 0.62 -16.82 16.58
N GLY A 520 1.21 -16.34 17.68
CA GLY A 520 0.68 -16.62 19.02
C GLY A 520 -0.62 -15.91 19.31
N ASP A 521 -0.91 -14.85 18.56
CA ASP A 521 -2.16 -14.15 18.74
C ASP A 521 -3.34 -15.05 18.36
N GLN A 522 -3.08 -16.11 17.59
CA GLN A 522 -4.17 -16.96 17.12
C GLN A 522 -4.56 -17.96 18.16
N ASP A 523 -3.64 -18.29 19.05
CA ASP A 523 -3.83 -19.43 19.98
C ASP A 523 -4.74 -19.00 21.15
N ASN A 524 -5.70 -19.85 21.55
CA ASN A 524 -6.43 -19.57 22.81
C ASN A 524 -5.73 -20.21 24.03
N GLY A 525 -4.70 -21.01 23.74
CA GLY A 525 -3.81 -21.66 24.74
C GLY A 525 -3.63 -23.18 24.53
N ILE A 526 -4.57 -23.81 23.85
CA ILE A 526 -4.53 -25.25 23.58
C ILE A 526 -3.29 -25.70 22.80
N LEU A 527 -2.96 -24.99 21.71
CA LEU A 527 -1.72 -25.32 21.01
C LEU A 527 -0.48 -25.19 21.88
N THR A 528 -0.32 -24.06 22.57
CA THR A 528 0.88 -23.82 23.32
C THR A 528 1.02 -24.79 24.54
N ASN A 529 -0.08 -25.10 25.19
CA ASN A 529 -0.12 -26.13 26.25
C ASN A 529 0.52 -27.41 25.74
N ALA A 530 0.15 -27.81 24.51
CA ALA A 530 0.60 -29.07 23.92
C ALA A 530 2.11 -29.03 23.68
N ALA A 531 2.63 -27.88 23.27
CA ALA A 531 4.04 -27.73 23.12
C ALA A 531 4.77 -28.02 24.43
N HIS A 532 4.36 -27.34 25.50
CA HIS A 532 5.00 -27.50 26.80
C HIS A 532 4.91 -28.96 27.25
N GLU A 533 3.74 -29.57 27.05
CA GLU A 533 3.59 -31.00 27.41
C GLU A 533 4.52 -31.93 26.57
N GLY A 534 4.72 -31.63 25.28
CA GLY A 534 5.65 -32.40 24.51
C GLY A 534 7.10 -32.24 24.98
N LEU A 535 7.39 -31.12 25.62
CA LEU A 535 8.71 -30.89 26.18
C LEU A 535 8.86 -31.57 27.54
N LYS A 536 7.79 -32.21 27.98
CA LYS A 536 7.71 -32.96 29.24
C LYS A 536 7.75 -32.02 30.46
N ARG A 537 7.21 -30.81 30.30
CA ARG A 537 7.21 -29.84 31.41
C ARG A 537 6.17 -30.07 32.47
N ARG A 538 6.62 -29.90 33.72
CA ARG A 538 5.71 -30.03 34.85
CA ARG A 538 5.73 -30.01 34.86
C ARG A 538 4.79 -28.83 34.86
N ILE A 539 3.49 -29.08 35.02
CA ILE A 539 2.54 -28.01 35.05
C ILE A 539 2.71 -27.20 36.35
N LYS A 540 2.49 -25.89 36.26
CA LYS A 540 2.50 -25.03 37.45
C LYS A 540 1.09 -24.56 37.69
N ASN A 541 0.47 -23.89 36.72
CA ASN A 541 -0.89 -23.39 36.90
C ASN A 541 -1.81 -24.02 35.86
N LYS A 542 -2.74 -24.81 36.38
CA LYS A 542 -3.65 -25.56 35.57
C LYS A 542 -5.01 -24.88 35.39
N VAL A 543 -5.31 -24.47 34.15
CA VAL A 543 -6.58 -23.86 33.80
C VAL A 543 -7.47 -24.87 33.10
N ILE A 544 -6.85 -25.83 32.41
CA ILE A 544 -7.58 -26.83 31.63
C ILE A 544 -6.82 -28.13 31.60
N ASP A 545 -7.56 -29.24 31.64
CA ASP A 545 -6.90 -30.53 31.53
C ASP A 545 -6.77 -30.89 30.05
N MET A 546 -5.54 -31.05 29.57
CA MET A 546 -5.31 -31.26 28.12
C MET A 546 -5.60 -32.70 27.69
N THR A 547 -5.67 -33.59 28.67
CA THR A 547 -5.63 -35.04 28.42
C THR A 547 -6.55 -35.53 27.29
N PRO A 548 -7.83 -35.17 27.34
CA PRO A 548 -8.73 -35.74 26.33
C PRO A 548 -8.58 -35.12 24.93
N PHE A 549 -7.72 -34.11 24.77
CA PHE A 549 -7.65 -33.38 23.47
C PHE A 549 -6.64 -33.93 22.48
N TYR A 550 -5.86 -34.92 22.93
CA TYR A 550 -4.80 -35.52 22.12
C TYR A 550 -5.29 -36.68 21.28
N LEU A 551 -6.42 -37.25 21.70
CA LEU A 551 -7.02 -38.45 21.10
C LEU A 551 -6.01 -39.54 20.74
N ASP A 552 -5.42 -40.17 21.75
CA ASP A 552 -4.36 -41.18 21.59
C ASP A 552 -3.15 -40.59 20.86
N LYS B 38 22.40 29.44 -25.13
CA LYS B 38 21.42 29.58 -24.01
C LYS B 38 20.00 29.20 -24.47
N SER B 39 19.19 28.72 -23.55
CA SER B 39 17.79 28.49 -23.79
C SER B 39 17.05 29.39 -22.80
N ASN B 40 15.88 29.87 -23.18
CA ASN B 40 14.99 30.54 -22.23
C ASN B 40 13.93 29.57 -21.68
N LEU B 41 14.00 28.33 -22.13
CA LEU B 41 13.03 27.31 -21.69
C LEU B 41 13.60 26.32 -20.66
N ILE B 42 14.92 26.09 -20.72
CA ILE B 42 15.55 25.01 -19.95
C ILE B 42 16.91 25.35 -19.41
N TYR B 43 17.32 24.61 -18.39
CA TYR B 43 18.70 24.67 -17.91
C TYR B 43 19.46 23.50 -18.53
N ASP B 44 20.75 23.62 -18.70
CA ASP B 44 21.52 22.47 -19.21
C ASP B 44 22.09 21.61 -18.10
N LYS B 45 21.93 22.09 -16.86
CA LYS B 45 22.36 21.39 -15.67
C LYS B 45 21.33 21.67 -14.55
N ASP B 46 21.00 20.63 -13.80
CA ASP B 46 20.06 20.77 -12.66
C ASP B 46 20.57 21.92 -11.75
N PRO B 47 19.77 22.97 -11.56
CA PRO B 47 20.27 24.06 -10.72
C PRO B 47 20.24 23.73 -9.21
N GLY B 48 19.56 22.66 -8.84
CA GLY B 48 19.46 22.32 -7.42
C GLY B 48 18.38 23.10 -6.72
N TYR B 49 18.50 23.15 -5.39
CA TYR B 49 17.43 23.68 -4.54
C TYR B 49 18.05 24.00 -3.22
N VAL B 50 18.01 25.27 -2.83
CA VAL B 50 18.55 25.71 -1.58
C VAL B 50 17.61 25.40 -0.41
N TRP B 51 18.14 24.65 0.54
CA TRP B 51 17.40 24.20 1.67
C TRP B 51 18.40 24.20 2.83
N ASP B 52 17.99 24.78 3.96
CA ASP B 52 18.83 24.85 5.14
C ASP B 52 20.22 25.41 4.81
N ASN B 53 20.25 26.48 4.04
CA ASN B 53 21.51 27.16 3.67
C ASN B 53 22.52 26.39 2.85
N LYS B 54 22.06 25.32 2.21
CA LYS B 54 22.93 24.49 1.40
C LYS B 54 22.22 24.21 0.10
N ASN B 55 23.00 23.97 -0.93
CA ASN B 55 22.40 23.40 -2.13
C ASN B 55 23.09 22.07 -2.38
N GLU B 56 22.37 21.00 -2.06
CA GLU B 56 22.95 19.66 -2.13
C GLU B 56 22.64 18.95 -3.44
N CYS B 57 21.91 19.58 -4.36
CA CYS B 57 21.45 18.86 -5.55
C CYS B 57 21.71 19.58 -6.86
N GLU B 58 22.68 20.50 -6.91
CA GLU B 58 23.17 20.95 -8.21
C GLU B 58 23.61 19.73 -9.01
N GLY B 59 23.19 19.67 -10.29
CA GLY B 59 23.57 18.57 -11.14
C GLY B 59 22.97 17.21 -10.79
N ALA B 60 21.99 17.17 -9.85
CA ALA B 60 21.50 15.87 -9.37
C ALA B 60 20.81 15.05 -10.46
N ALA B 61 20.04 15.74 -11.31
CA ALA B 61 19.34 15.11 -12.42
C ALA B 61 20.32 14.32 -13.28
N GLU B 62 21.43 14.93 -13.58
CA GLU B 62 22.45 14.32 -14.45
C GLU B 62 23.26 13.23 -13.77
N GLU B 63 23.36 13.31 -12.44
CA GLU B 63 23.98 12.25 -11.69
C GLU B 63 23.10 11.04 -11.74
N THR B 64 21.78 11.27 -11.71
CA THR B 64 20.87 10.14 -11.85
C THR B 64 20.98 9.50 -13.23
N TYR B 65 20.98 10.33 -14.27
CA TYR B 65 21.06 9.82 -15.62
C TYR B 65 22.33 8.94 -15.74
N GLN B 66 23.42 9.44 -15.20
CA GLN B 66 24.71 8.73 -15.28
C GLN B 66 24.59 7.41 -14.55
N GLU B 67 24.02 7.44 -13.35
CA GLU B 67 23.89 6.21 -12.58
C GLU B 67 22.98 5.15 -13.22
N LEU B 68 22.04 5.59 -14.06
CA LEU B 68 21.04 4.67 -14.64
C LEU B 68 21.28 4.36 -16.13
N ASN B 69 22.35 4.94 -16.66
CA ASN B 69 22.70 4.82 -18.08
C ASN B 69 21.54 5.29 -18.96
N TYR B 70 21.01 6.48 -18.65
CA TYR B 70 20.02 7.09 -19.53
C TYR B 70 20.70 7.99 -20.57
N GLU B 71 20.43 7.72 -21.84
CA GLU B 71 20.90 8.59 -22.90
C GLU B 71 19.71 8.87 -23.83
N PRO B 72 19.30 10.15 -23.93
CA PRO B 72 18.08 10.46 -24.73
C PRO B 72 18.06 9.85 -26.16
N SER B 73 19.21 9.87 -26.85
CA SER B 73 19.25 9.37 -28.23
C SER B 73 19.16 7.87 -28.34
N ILE B 74 19.36 7.15 -27.24
CA ILE B 74 19.40 5.70 -27.33
C ILE B 74 18.41 4.94 -26.45
N SER B 75 18.10 5.44 -25.25
CA SER B 75 17.28 4.68 -24.29
C SER B 75 15.82 4.51 -24.70
N ALA B 76 15.38 3.26 -24.80
CA ALA B 76 14.01 2.98 -25.14
C ALA B 76 13.21 2.43 -23.94
N ASP B 77 13.90 2.19 -22.83
CA ASP B 77 13.38 1.32 -21.78
C ASP B 77 13.73 1.76 -20.35
N LYS B 78 14.13 3.03 -20.22
CA LYS B 78 14.61 3.54 -18.96
C LYS B 78 13.64 4.56 -18.36
N LEU B 79 13.78 4.81 -17.05
CA LEU B 79 13.14 5.95 -16.39
C LEU B 79 14.17 7.02 -16.18
N THR B 80 13.81 8.26 -16.45
CA THR B 80 14.73 9.40 -16.32
C THR B 80 14.83 10.00 -14.93
N TRP B 81 13.72 9.94 -14.16
CA TRP B 81 13.59 10.64 -12.84
C TRP B 81 13.82 12.15 -12.91
N THR B 82 13.63 12.72 -14.09
CA THR B 82 13.99 14.14 -14.27
C THR B 82 13.12 15.09 -13.43
N PRO B 83 13.76 15.95 -12.63
CA PRO B 83 13.02 16.91 -11.80
C PRO B 83 12.57 18.13 -12.63
N THR B 84 11.45 18.72 -12.26
CA THR B 84 10.95 19.91 -12.96
C THR B 84 11.96 21.05 -12.84
N ARG B 85 12.89 20.97 -11.87
CA ARG B 85 13.98 21.99 -11.69
C ARG B 85 14.78 22.32 -12.95
N LEU B 86 14.78 21.38 -13.89
CA LEU B 86 15.53 21.54 -15.15
C LEU B 86 14.81 22.47 -16.13
N ALA B 87 13.50 22.66 -15.95
CA ALA B 87 12.77 23.65 -16.74
C ALA B 87 12.90 25.07 -16.16
N LYS B 88 12.94 26.06 -17.02
CA LYS B 88 12.84 27.44 -16.55
C LYS B 88 11.38 27.79 -16.42
N THR B 89 11.03 28.60 -15.43
CA THR B 89 9.61 28.99 -15.23
C THR B 89 9.22 30.14 -16.15
N VAL B 90 8.18 29.94 -16.97
CA VAL B 90 7.83 30.92 -18.01
C VAL B 90 6.32 31.12 -18.17
N PHE B 91 5.59 31.09 -17.06
CA PHE B 91 4.17 31.40 -17.09
C PHE B 91 4.05 32.91 -17.43
N ASN B 92 3.43 33.23 -18.57
CA ASN B 92 2.94 34.59 -18.75
C ASN B 92 1.63 34.77 -17.99
N THR B 93 1.16 36.01 -17.90
CA THR B 93 -0.11 36.37 -17.30
C THR B 93 -1.03 36.92 -18.39
N TYR B 94 -2.31 36.55 -18.36
CA TYR B 94 -3.28 37.00 -19.38
C TYR B 94 -4.51 37.58 -18.69
N GLU B 95 -5.19 38.54 -19.32
CA GLU B 95 -6.49 39.01 -18.82
C GLU B 95 -7.40 37.84 -18.83
N ASP B 96 -8.05 37.56 -17.71
CA ASP B 96 -8.82 36.33 -17.62
C ASP B 96 -10.26 36.58 -17.20
N ASP B 97 -10.74 37.81 -17.38
CA ASP B 97 -12.14 38.11 -17.04
C ASP B 97 -13.04 38.10 -18.26
N ASP B 98 -13.11 36.94 -18.90
CA ASP B 98 -13.96 36.73 -20.02
C ASP B 98 -14.90 35.65 -19.56
N ASP B 99 -15.50 34.91 -20.47
CA ASP B 99 -16.50 33.97 -20.06
C ASP B 99 -15.89 32.52 -20.00
N PHE B 100 -14.59 32.43 -19.79
CA PHE B 100 -13.92 31.09 -19.73
C PHE B 100 -13.06 30.98 -18.49
N ASN B 101 -12.58 29.78 -18.17
CA ASN B 101 -11.63 29.66 -17.03
C ASN B 101 -10.64 28.52 -17.29
N VAL B 102 -9.41 28.67 -16.84
CA VAL B 102 -8.43 27.62 -16.97
C VAL B 102 -8.14 27.12 -15.55
N LEU B 103 -8.23 25.80 -15.38
CA LEU B 103 -8.17 25.13 -14.05
C LEU B 103 -6.91 24.29 -14.01
N CYS B 104 -6.42 24.02 -12.80
CA CYS B 104 -5.14 23.35 -12.66
C CYS B 104 -5.27 22.23 -11.64
N TYR B 105 -5.23 20.96 -12.07
CA TYR B 105 -5.00 19.90 -11.09
C TYR B 105 -3.57 19.94 -10.57
N PHE B 106 -3.37 20.18 -9.27
CA PHE B 106 -2.01 20.20 -8.72
C PHE B 106 -1.86 19.00 -7.78
N THR B 107 -0.97 18.08 -8.12
CA THR B 107 -0.82 16.84 -7.32
C THR B 107 0.05 17.05 -6.09
N ASP B 108 -0.36 16.45 -4.98
CA ASP B 108 0.39 16.61 -3.75
C ASP B 108 1.65 15.70 -3.62
N TRP B 109 1.90 14.85 -4.61
CA TRP B 109 3.12 14.00 -4.56
C TRP B 109 4.16 14.61 -5.45
N SER B 110 3.80 15.63 -6.25
CA SER B 110 4.78 16.22 -7.20
C SER B 110 5.90 17.01 -6.47
N GLN B 111 5.68 17.43 -5.21
CA GLN B 111 6.70 18.17 -4.44
C GLN B 111 7.97 17.36 -4.10
N TYR B 112 7.88 16.04 -4.10
CA TYR B 112 8.94 15.26 -3.45
C TYR B 112 10.17 15.09 -4.33
N ASP B 113 11.32 14.96 -3.68
CA ASP B 113 12.55 14.51 -4.36
C ASP B 113 13.62 14.29 -3.27
N PRO B 114 13.87 13.03 -2.92
CA PRO B 114 14.91 12.75 -1.91
C PRO B 114 16.32 13.25 -2.27
N ARG B 115 16.56 13.56 -3.54
CA ARG B 115 17.90 14.07 -3.96
C ARG B 115 18.20 15.45 -3.41
N ILE B 116 17.15 16.17 -3.00
CA ILE B 116 17.36 17.52 -2.46
C ILE B 116 18.21 17.59 -1.17
N ILE B 117 18.18 16.51 -0.38
CA ILE B 117 18.61 16.53 1.00
C ILE B 117 20.11 16.35 1.11
N ASN B 118 20.69 15.51 0.28
CA ASN B 118 22.16 15.28 0.36
C ASN B 118 22.60 14.56 -0.93
N LYS B 119 23.75 13.89 -0.90
CA LYS B 119 24.24 13.19 -2.11
C LYS B 119 23.98 11.68 -2.08
N GLU B 120 23.20 11.20 -1.12
CA GLU B 120 23.09 9.74 -0.93
C GLU B 120 22.24 8.99 -1.96
N ILE B 121 21.14 9.60 -2.38
CA ILE B 121 20.24 8.99 -3.32
C ILE B 121 20.37 9.59 -4.71
N ARG B 122 20.82 8.79 -5.67
CA ARG B 122 20.84 9.25 -7.05
C ARG B 122 20.27 8.21 -8.02
N ASP B 123 19.87 7.03 -7.56
CA ASP B 123 19.36 6.01 -8.47
C ASP B 123 17.82 6.15 -8.66
N THR B 124 17.25 7.19 -8.06
CA THR B 124 15.81 7.49 -8.21
C THR B 124 15.61 8.96 -7.80
N GLY B 125 14.38 9.46 -7.93
CA GLY B 125 14.20 10.88 -7.69
C GLY B 125 12.71 11.21 -7.64
N GLY B 126 12.40 12.49 -7.49
CA GLY B 126 11.01 12.92 -7.57
C GLY B 126 10.97 14.12 -8.52
N ARG B 127 9.79 14.67 -8.70
CA ARG B 127 9.53 15.72 -9.67
C ARG B 127 9.94 17.10 -9.12
N SER B 128 9.98 17.25 -7.80
CA SER B 128 10.34 18.50 -7.16
C SER B 128 9.55 19.67 -7.74
N ALA B 129 8.23 19.52 -7.90
CA ALA B 129 7.43 20.64 -8.49
C ALA B 129 7.15 21.70 -7.38
N ASP B 130 7.70 22.91 -7.56
CA ASP B 130 7.52 23.98 -6.59
C ASP B 130 6.16 24.68 -6.80
N ILE B 131 5.36 24.77 -5.75
CA ILE B 131 4.03 25.42 -5.89
C ILE B 131 4.26 26.89 -6.24
N LEU B 132 5.44 27.39 -5.90
CA LEU B 132 5.69 28.82 -6.10
C LEU B 132 5.90 29.18 -7.59
N ARG B 133 6.06 28.18 -8.45
CA ARG B 133 6.14 28.47 -9.90
C ARG B 133 4.81 29.12 -10.35
N LEU B 134 3.73 28.93 -9.56
CA LEU B 134 2.44 29.52 -9.92
C LEU B 134 2.25 30.97 -9.41
N ASN B 135 3.26 31.48 -8.69
CA ASN B 135 3.14 32.80 -8.07
C ASN B 135 3.54 33.93 -9.02
N THR B 136 2.72 34.16 -10.04
CA THR B 136 2.98 35.14 -11.09
C THR B 136 2.62 36.55 -10.64
N PRO B 137 3.43 37.55 -11.02
CA PRO B 137 2.95 38.87 -10.63
C PRO B 137 1.87 39.36 -11.59
N ASP B 138 0.88 40.09 -11.07
CA ASP B 138 0.01 40.81 -11.97
C ASP B 138 -1.18 39.99 -12.52
N GLY B 139 -1.50 38.86 -11.92
CA GLY B 139 -2.57 38.05 -12.47
C GLY B 139 -2.20 36.65 -12.07
N ARG B 140 -2.70 35.66 -12.82
CA ARG B 140 -2.56 34.28 -12.36
C ARG B 140 -2.65 33.34 -13.56
N PRO B 141 -1.89 32.23 -13.53
CA PRO B 141 -1.98 31.32 -14.65
C PRO B 141 -3.28 30.55 -14.72
N PHE B 142 -3.88 30.30 -13.57
CA PHE B 142 -5.14 29.58 -13.50
C PHE B 142 -6.13 30.30 -12.61
N LYS B 143 -7.40 30.22 -12.96
CA LYS B 143 -8.40 30.81 -12.12
C LYS B 143 -8.59 29.98 -10.84
N ARG B 144 -8.44 28.68 -10.97
CA ARG B 144 -8.76 27.78 -9.87
C ARG B 144 -7.67 26.67 -9.73
N LEU B 145 -7.15 26.47 -8.52
CA LEU B 145 -6.26 25.32 -8.27
C LEU B 145 -7.05 24.20 -7.65
N ILE B 146 -6.81 22.99 -8.14
CA ILE B 146 -7.58 21.84 -7.68
C ILE B 146 -6.59 20.92 -6.95
N TYR B 147 -6.79 20.80 -5.64
CA TYR B 147 -5.98 19.93 -4.79
C TYR B 147 -6.19 18.46 -5.19
N SER B 148 -5.15 17.77 -5.65
CA SER B 148 -5.29 16.38 -6.09
C SER B 148 -4.43 15.44 -5.23
N PHE B 149 -5.00 14.49 -4.45
CA PHE B 149 -6.44 14.25 -4.30
C PHE B 149 -6.83 14.00 -2.87
N GLY B 150 -8.08 14.26 -2.53
CA GLY B 150 -8.62 13.65 -1.32
C GLY B 150 -9.05 12.21 -1.54
N GLY B 151 -8.80 11.35 -0.53
CA GLY B 151 -9.18 9.92 -0.58
C GLY B 151 -10.42 9.80 0.30
N LEU B 152 -10.80 8.57 0.63
CA LEU B 152 -12.01 8.33 1.38
C LEU B 152 -11.73 7.29 2.44
N ILE B 153 -12.17 7.55 3.67
CA ILE B 153 -11.97 6.58 4.76
C ILE B 153 -12.84 5.36 4.39
N GLY B 154 -12.25 4.17 4.52
CA GLY B 154 -12.91 2.93 4.09
C GLY B 154 -12.49 2.39 2.74
N ASP B 155 -11.62 3.09 1.98
CA ASP B 155 -11.31 2.70 0.60
C ASP B 155 -10.24 1.60 0.64
N LYS B 156 -10.72 0.35 0.61
CA LYS B 156 -9.88 -0.83 0.72
C LYS B 156 -9.23 -1.21 -0.61
N LYS B 157 -9.65 -0.59 -1.72
CA LYS B 157 -9.01 -0.78 -3.00
CA LYS B 157 -9.01 -0.80 -2.99
C LYS B 157 -7.69 0.01 -3.01
N TYR B 158 -7.76 1.25 -2.55
CA TYR B 158 -6.60 2.14 -2.52
C TYR B 158 -5.63 1.77 -1.38
N SER B 159 -6.18 1.41 -0.23
CA SER B 159 -5.40 1.28 1.00
C SER B 159 -5.68 0.02 1.77
N ALA B 160 -4.62 -0.67 2.20
CA ALA B 160 -4.76 -1.87 3.02
C ALA B 160 -5.66 -1.69 4.26
N ASP B 161 -5.64 -0.52 4.90
CA ASP B 161 -6.50 -0.30 6.06
C ASP B 161 -7.58 0.78 5.80
N GLY B 162 -7.95 1.00 4.53
CA GLY B 162 -9.03 1.96 4.14
C GLY B 162 -8.70 3.36 4.68
N ASN B 163 -7.40 3.66 4.70
CA ASN B 163 -6.94 4.95 5.15
C ASN B 163 -7.19 5.24 6.63
N ALA B 164 -7.43 4.22 7.42
CA ALA B 164 -7.76 4.46 8.83
C ALA B 164 -6.63 5.13 9.57
N SER B 165 -5.39 4.69 9.29
CA SER B 165 -4.23 5.32 9.96
C SER B 165 -4.05 6.80 9.62
N ILE B 166 -4.37 7.19 8.40
CA ILE B 166 -4.29 8.58 8.04
CA ILE B 166 -4.33 8.57 7.97
C ILE B 166 -5.32 9.39 8.81
N ALA B 167 -6.53 8.85 8.94
CA ALA B 167 -7.58 9.52 9.70
C ALA B 167 -7.07 9.82 11.13
N VAL B 168 -6.45 8.83 11.79
CA VAL B 168 -5.99 9.04 13.15
C VAL B 168 -4.92 10.08 13.18
N ARG B 169 -3.98 9.99 12.24
CA ARG B 169 -2.87 10.97 12.17
C ARG B 169 -3.33 12.41 12.02
N LEU B 170 -4.40 12.61 11.21
CA LEU B 170 -5.00 13.91 11.00
C LEU B 170 -5.90 14.42 12.16
N GLY B 171 -6.22 13.52 13.09
CA GLY B 171 -6.95 13.85 14.30
C GLY B 171 -8.45 13.80 14.02
N VAL B 172 -8.89 13.05 13.01
CA VAL B 172 -10.33 13.02 12.70
C VAL B 172 -10.94 11.71 13.13
N ALA B 173 -10.11 10.84 13.68
CA ALA B 173 -10.59 9.60 14.27
C ALA B 173 -9.77 9.28 15.50
N THR B 174 -10.33 8.56 16.47
CA THR B 174 -9.55 8.35 17.70
C THR B 174 -8.63 7.12 17.61
N ASP B 175 -8.95 6.20 16.70
CA ASP B 175 -8.14 4.96 16.48
C ASP B 175 -8.62 4.34 15.17
N PRO B 176 -7.90 3.32 14.67
CA PRO B 176 -8.29 2.83 13.33
C PRO B 176 -9.68 2.17 13.31
N ASP B 177 -10.08 1.57 14.43
CA ASP B 177 -11.44 0.95 14.52
C ASP B 177 -12.53 2.05 14.38
N ASP B 178 -12.37 3.14 15.13
CA ASP B 178 -13.24 4.29 15.10
C ASP B 178 -13.30 4.97 13.72
N ALA B 179 -12.16 5.09 13.04
CA ALA B 179 -12.18 5.61 11.68
C ALA B 179 -13.12 4.88 10.75
N ILE B 180 -13.08 3.55 10.76
CA ILE B 180 -13.89 2.73 9.85
C ILE B 180 -15.34 2.70 10.36
N ALA B 181 -15.50 2.53 11.67
CA ALA B 181 -16.87 2.35 12.26
C ALA B 181 -17.69 3.63 12.22
N ASN B 182 -17.01 4.76 12.39
CA ASN B 182 -17.72 6.01 12.49
C ASN B 182 -17.58 6.95 11.31
N HIS B 183 -16.57 6.74 10.47
CA HIS B 183 -16.28 7.71 9.40
C HIS B 183 -16.15 7.19 8.00
N LYS B 184 -16.72 6.02 7.72
CA LYS B 184 -16.57 5.52 6.37
C LYS B 184 -17.27 6.44 5.36
N GLY B 185 -16.58 6.77 4.27
CA GLY B 185 -17.03 7.75 3.26
C GLY B 185 -16.61 9.18 3.48
N LYS B 186 -16.02 9.49 4.63
CA LYS B 186 -15.43 10.83 4.89
C LYS B 186 -14.15 11.05 4.12
N THR B 187 -14.04 12.20 3.44
CA THR B 187 -12.81 12.52 2.71
C THR B 187 -11.71 13.10 3.60
N ILE B 188 -10.45 12.76 3.26
CA ILE B 188 -9.26 13.31 3.89
C ILE B 188 -8.17 13.26 2.85
N PRO B 189 -7.20 14.19 2.90
CA PRO B 189 -6.01 13.98 2.12
C PRO B 189 -5.37 12.67 2.56
N VAL B 190 -4.78 11.93 1.61
CA VAL B 190 -4.22 10.65 1.98
C VAL B 190 -2.71 10.77 2.15
N ASP B 191 -2.19 12.01 2.05
CA ASP B 191 -0.78 12.24 2.29
C ASP B 191 -0.65 13.43 3.25
N PRO B 192 -0.72 13.16 4.56
CA PRO B 192 -0.64 14.33 5.46
C PRO B 192 0.68 15.08 5.38
N ASP B 193 1.78 14.39 5.07
CA ASP B 193 3.07 15.09 4.95
C ASP B 193 2.96 16.11 3.85
N GLY B 194 2.56 15.65 2.68
CA GLY B 194 2.47 16.56 1.51
C GLY B 194 1.35 17.59 1.65
N ALA B 195 0.29 17.27 2.39
CA ALA B 195 -0.86 18.15 2.45
C ALA B 195 -0.64 19.30 3.45
N VAL B 196 -0.10 18.99 4.63
CA VAL B 196 -0.10 19.98 5.73
C VAL B 196 1.22 20.14 6.47
N LEU B 197 2.25 19.32 6.19
CA LEU B 197 3.50 19.40 6.94
C LEU B 197 4.71 19.92 6.18
N ALA B 198 4.80 19.63 4.88
CA ALA B 198 6.07 19.81 4.19
C ALA B 198 6.50 21.27 4.06
N SER B 199 7.82 21.51 4.01
CA SER B 199 8.32 22.86 3.67
C SER B 199 8.76 22.94 2.20
N ILE B 200 9.62 22.00 1.81
CA ILE B 200 10.26 22.00 0.49
C ILE B 200 9.23 21.96 -0.67
N ASN B 201 9.40 22.87 -1.64
CA ASN B 201 8.42 22.97 -2.74
C ASN B 201 6.97 23.36 -2.35
N CYS B 202 6.77 23.78 -1.11
CA CYS B 202 5.45 24.21 -0.63
C CYS B 202 5.42 25.64 -0.11
N GLY B 203 6.54 26.34 -0.26
CA GLY B 203 6.56 27.79 0.08
C GLY B 203 7.25 28.13 1.40
N PHE B 204 7.75 27.14 2.12
CA PHE B 204 8.32 27.39 3.47
C PHE B 204 9.80 27.07 3.47
N THR B 205 10.54 27.62 4.43
CA THR B 205 12.00 27.52 4.33
C THR B 205 12.69 26.88 5.52
N LYS B 206 11.94 26.45 6.53
CA LYS B 206 12.58 25.78 7.67
C LYS B 206 11.66 24.84 8.38
N TRP B 207 12.20 23.72 8.89
CA TRP B 207 11.40 22.75 9.65
C TRP B 207 10.92 23.40 10.93
N GLU B 208 9.67 23.14 11.33
CA GLU B 208 9.19 23.62 12.61
C GLU B 208 8.32 22.57 13.20
N ALA B 209 8.34 22.48 14.54
CA ALA B 209 7.55 21.46 15.22
C ALA B 209 6.05 21.61 14.96
N GLY B 210 5.36 20.48 15.03
CA GLY B 210 3.88 20.45 14.96
C GLY B 210 3.47 19.24 14.14
N ASP B 211 2.53 18.47 14.65
CA ASP B 211 2.16 17.24 13.98
C ASP B 211 0.99 17.49 13.01
N ALA B 212 0.53 16.47 12.27
CA ALA B 212 -0.49 16.68 11.24
C ALA B 212 -1.83 17.12 11.85
N ASN B 213 -2.20 16.57 13.00
CA ASN B 213 -3.39 16.96 13.76
C ASN B 213 -3.36 18.50 13.99
N GLU B 214 -2.22 18.99 14.47
CA GLU B 214 -2.06 20.44 14.80
C GLU B 214 -2.15 21.33 13.56
N ARG B 215 -1.72 20.80 12.43
CA ARG B 215 -1.62 21.59 11.23
C ARG B 215 -2.76 21.40 10.25
N TYR B 216 -3.75 20.58 10.59
CA TYR B 216 -4.81 20.27 9.63
C TYR B 216 -5.92 21.35 9.65
N ASN B 217 -5.51 22.59 9.40
CA ASN B 217 -6.43 23.73 9.31
C ASN B 217 -5.70 24.84 8.54
N GLN B 218 -6.44 25.78 7.99
CA GLN B 218 -5.86 26.75 7.10
C GLN B 218 -4.79 27.59 7.78
N GLU B 219 -5.07 28.06 9.01
CA GLU B 219 -4.13 28.99 9.68
C GLU B 219 -2.77 28.31 9.93
N LYS B 220 -2.76 27.04 10.34
CA LYS B 220 -1.49 26.35 10.73
C LYS B 220 -0.88 25.39 9.66
N ALA B 221 -1.56 25.25 8.51
CA ALA B 221 -1.07 24.29 7.50
C ALA B 221 0.29 24.72 6.96
N LYS B 222 1.19 23.74 6.80
CA LYS B 222 2.25 23.88 5.80
C LYS B 222 1.86 22.89 4.67
N GLY B 223 2.81 22.21 4.07
CA GLY B 223 2.52 21.36 2.90
C GLY B 223 1.84 22.15 1.78
N LEU B 224 1.23 21.42 0.88
CA LEU B 224 0.63 22.06 -0.30
C LEU B 224 -0.62 22.90 0.06
N LEU B 225 -1.33 22.51 1.11
CA LEU B 225 -2.47 23.32 1.57
C LEU B 225 -1.95 24.63 2.15
N GLY B 226 -0.83 24.59 2.86
CA GLY B 226 -0.15 25.86 3.27
C GLY B 226 0.29 26.66 2.08
N GLY B 227 0.86 26.00 1.05
CA GLY B 227 1.22 26.72 -0.19
C GLY B 227 0.04 27.35 -0.88
N PHE B 228 -1.09 26.63 -0.94
CA PHE B 228 -2.33 27.24 -1.42
C PHE B 228 -2.63 28.52 -0.60
N ARG B 229 -2.40 28.49 0.72
CA ARG B 229 -2.73 29.63 1.55
C ARG B 229 -1.82 30.80 1.22
N LEU B 230 -0.55 30.51 0.94
CA LEU B 230 0.37 31.57 0.53
C LEU B 230 -0.08 32.21 -0.79
N LEU B 231 -0.54 31.41 -1.78
CA LEU B 231 -1.07 32.04 -3.00
C LEU B 231 -2.34 32.82 -2.73
N HIS B 232 -3.19 32.28 -1.86
CA HIS B 232 -4.46 32.91 -1.48
C HIS B 232 -4.23 34.30 -0.88
N GLU B 233 -3.25 34.37 0.00
CA GLU B 233 -2.90 35.65 0.64
C GLU B 233 -2.35 36.64 -0.37
N ALA B 234 -1.66 36.15 -1.39
CA ALA B 234 -1.10 37.04 -2.41
C ALA B 234 -2.16 37.48 -3.47
N ASP B 235 -3.29 36.76 -3.56
CA ASP B 235 -4.17 36.93 -4.73
C ASP B 235 -5.56 36.56 -4.38
N LYS B 236 -6.37 37.56 -4.07
CA LYS B 236 -7.71 37.28 -3.58
C LYS B 236 -8.66 36.68 -4.61
N GLU B 237 -8.31 36.78 -5.90
CA GLU B 237 -9.20 36.27 -6.96
C GLU B 237 -8.92 34.78 -7.28
N LEU B 238 -7.86 34.21 -6.71
CA LEU B 238 -7.56 32.79 -6.93
C LEU B 238 -8.57 31.89 -6.22
N GLU B 239 -9.11 30.89 -6.92
CA GLU B 239 -10.05 29.94 -6.33
C GLU B 239 -9.35 28.61 -6.03
N PHE B 240 -9.94 27.86 -5.11
CA PHE B 240 -9.42 26.58 -4.65
C PHE B 240 -10.50 25.57 -4.57
N SER B 241 -10.17 24.40 -5.10
CA SER B 241 -11.11 23.31 -5.14
C SER B 241 -10.46 22.07 -4.58
N LEU B 242 -11.24 21.21 -3.94
CA LEU B 242 -10.71 19.91 -3.55
C LEU B 242 -11.21 18.89 -4.55
N SER B 243 -10.30 18.16 -5.21
CA SER B 243 -10.78 16.95 -5.94
C SER B 243 -10.72 15.69 -5.05
N ILE B 244 -11.82 14.96 -4.97
CA ILE B 244 -11.91 13.73 -4.22
C ILE B 244 -11.99 12.62 -5.26
N GLY B 245 -11.12 11.60 -5.13
CA GLY B 245 -11.20 10.40 -5.98
C GLY B 245 -9.99 10.41 -6.89
N GLY B 246 -10.23 10.55 -8.19
CA GLY B 246 -9.24 10.21 -9.18
C GLY B 246 -9.24 8.72 -9.54
N TRP B 247 -8.33 8.34 -10.43
CA TRP B 247 -8.34 7.00 -11.01
C TRP B 247 -8.10 5.91 -9.97
N SER B 248 -7.20 6.17 -9.00
CA SER B 248 -6.85 5.12 -8.01
C SER B 248 -7.72 5.08 -6.79
N MET B 249 -8.56 6.11 -6.65
CA MET B 249 -9.32 6.29 -5.43
C MET B 249 -10.81 6.46 -5.74
N SER B 250 -11.31 5.62 -6.66
CA SER B 250 -12.74 5.68 -7.05
C SER B 250 -13.46 4.41 -6.64
N GLY B 251 -12.74 3.54 -5.91
CA GLY B 251 -13.26 2.22 -5.59
C GLY B 251 -14.38 2.23 -4.55
N LEU B 252 -14.55 3.32 -3.79
CA LEU B 252 -15.55 3.35 -2.72
C LEU B 252 -16.85 4.10 -3.12
N PHE B 253 -16.85 4.81 -4.24
CA PHE B 253 -17.94 5.75 -4.57
C PHE B 253 -19.28 5.05 -4.72
N SER B 254 -19.26 3.94 -5.46
CA SER B 254 -20.53 3.19 -5.67
C SER B 254 -21.20 2.75 -4.38
N GLU B 255 -20.40 2.22 -3.44
CA GLU B 255 -20.91 1.75 -2.19
C GLU B 255 -21.43 2.93 -1.39
N ILE B 256 -20.73 4.08 -1.45
CA ILE B 256 -21.18 5.22 -0.65
C ILE B 256 -22.50 5.75 -1.20
N ALA B 257 -22.55 5.96 -2.52
CA ALA B 257 -23.69 6.73 -3.11
C ALA B 257 -25.00 5.97 -2.89
N LYS B 258 -24.92 4.64 -2.73
CA LYS B 258 -26.11 3.80 -2.53
C LYS B 258 -26.73 3.95 -1.14
N ASP B 259 -25.95 4.38 -0.15
CA ASP B 259 -26.33 4.18 1.20
C ASP B 259 -26.54 5.50 1.92
N GLU B 260 -27.70 5.65 2.56
CA GLU B 260 -28.03 6.91 3.22
C GLU B 260 -26.99 7.36 4.29
N ILE B 261 -26.52 6.39 5.09
CA ILE B 261 -25.57 6.68 6.16
CA ILE B 261 -25.57 6.66 6.15
C ILE B 261 -24.23 7.08 5.58
N LEU B 262 -23.74 6.31 4.60
CA LEU B 262 -22.45 6.67 3.97
C LEU B 262 -22.51 8.03 3.26
N ARG B 263 -23.62 8.32 2.60
CA ARG B 263 -23.78 9.65 1.98
C ARG B 263 -23.71 10.73 3.08
N THR B 264 -24.37 10.48 4.20
CA THR B 264 -24.39 11.48 5.27
C THR B 264 -22.96 11.72 5.77
N ASN B 265 -22.22 10.63 5.95
CA ASN B 265 -20.77 10.72 6.30
C ASN B 265 -20.00 11.50 5.26
N PHE B 266 -20.30 11.28 4.00
CA PHE B 266 -19.56 11.98 2.94
C PHE B 266 -19.83 13.50 3.00
N VAL B 267 -21.11 13.85 3.24
CA VAL B 267 -21.50 15.23 3.35
C VAL B 267 -20.80 15.87 4.55
N GLU B 268 -20.78 15.17 5.69
CA GLU B 268 -20.06 15.64 6.90
C GLU B 268 -18.57 15.87 6.57
N GLY B 269 -18.01 14.96 5.79
CA GLY B 269 -16.62 15.08 5.28
C GLY B 269 -16.39 16.38 4.53
N ILE B 270 -17.34 16.74 3.66
CA ILE B 270 -17.20 18.01 2.93
C ILE B 270 -17.34 19.14 3.95
N LYS B 271 -18.36 19.07 4.82
CA LYS B 271 -18.51 20.17 5.80
C LYS B 271 -17.25 20.41 6.63
N ASP B 272 -16.66 19.32 7.14
CA ASP B 272 -15.45 19.44 7.96
C ASP B 272 -14.30 20.08 7.21
N PHE B 273 -14.06 19.60 5.98
CA PHE B 273 -12.87 20.08 5.22
C PHE B 273 -13.06 21.57 4.91
N PHE B 274 -14.30 21.94 4.55
CA PHE B 274 -14.62 23.34 4.18
C PHE B 274 -14.61 24.31 5.38
N GLN B 275 -14.88 23.77 6.55
CA GLN B 275 -14.75 24.50 7.82
CA GLN B 275 -14.75 24.54 7.78
C GLN B 275 -13.28 24.70 8.16
N ARG B 276 -12.49 23.62 7.99
CA ARG B 276 -11.01 23.68 8.27
C ARG B 276 -10.27 24.61 7.32
N PHE B 277 -10.74 24.66 6.06
CA PHE B 277 -10.08 25.43 5.03
C PHE B 277 -11.03 26.37 4.35
N PRO B 278 -11.33 27.50 5.02
CA PRO B 278 -12.36 28.45 4.48
C PRO B 278 -12.05 29.04 3.10
N MET B 279 -10.77 29.15 2.69
CA MET B 279 -10.44 29.60 1.36
C MET B 279 -10.95 28.69 0.23
N PHE B 280 -11.36 27.46 0.53
CA PHE B 280 -11.86 26.57 -0.54
C PHE B 280 -13.30 26.97 -0.91
N SER B 281 -13.63 26.90 -2.20
CA SER B 281 -14.98 27.29 -2.63
C SER B 281 -15.59 26.32 -3.63
N HIS B 282 -14.82 25.31 -4.04
CA HIS B 282 -15.30 24.41 -5.11
C HIS B 282 -14.96 23.02 -4.74
N LEU B 283 -15.69 22.09 -5.34
CA LEU B 283 -15.45 20.72 -5.08
C LEU B 283 -15.46 20.02 -6.44
N ASP B 284 -14.49 19.14 -6.66
CA ASP B 284 -14.50 18.27 -7.88
C ASP B 284 -14.63 16.83 -7.40
N ILE B 285 -15.74 16.18 -7.67
CA ILE B 285 -15.86 14.82 -7.22
C ILE B 285 -15.53 13.95 -8.40
N ASP B 286 -14.25 13.53 -8.46
CA ASP B 286 -13.76 12.88 -9.66
C ASP B 286 -13.90 11.39 -9.54
N TRP B 287 -15.16 10.97 -9.48
CA TRP B 287 -15.51 9.56 -9.52
C TRP B 287 -15.28 9.02 -10.94
N GLU B 288 -14.32 8.09 -11.07
CA GLU B 288 -13.95 7.62 -12.40
C GLU B 288 -14.25 6.13 -12.48
N TYR B 289 -15.46 5.74 -12.90
CA TYR B 289 -16.57 6.61 -13.38
C TYR B 289 -17.84 5.93 -12.94
N PRO B 290 -18.90 6.73 -12.67
CA PRO B 290 -20.18 6.05 -12.36
C PRO B 290 -20.62 5.12 -13.50
N GLY B 291 -20.96 3.88 -13.17
CA GLY B 291 -21.60 3.01 -14.14
C GLY B 291 -20.64 2.22 -15.03
N SER B 292 -19.34 2.37 -14.80
CA SER B 292 -18.39 1.55 -15.55
C SER B 292 -17.22 1.12 -14.68
N ILE B 293 -16.29 0.36 -15.28
CA ILE B 293 -15.28 -0.29 -14.45
C ILE B 293 -14.12 0.60 -13.94
N GLY B 294 -13.78 1.65 -14.66
CA GLY B 294 -12.63 2.48 -14.30
C GLY B 294 -11.41 1.63 -14.04
N ALA B 295 -10.78 1.83 -12.90
CA ALA B 295 -9.51 1.17 -12.56
C ALA B 295 -9.80 -0.19 -11.94
N GLY B 296 -11.05 -0.64 -12.01
CA GLY B 296 -11.41 -1.91 -11.38
C GLY B 296 -12.19 -1.67 -10.11
N ASN B 297 -13.28 -0.90 -10.24
CA ASN B 297 -14.09 -0.49 -9.11
C ASN B 297 -15.42 -1.20 -9.16
N PRO B 298 -16.05 -1.45 -7.97
CA PRO B 298 -17.49 -1.79 -7.93
C PRO B 298 -18.22 -0.70 -8.68
N ASN B 299 -19.16 -1.10 -9.53
CA ASN B 299 -19.94 -0.15 -10.28
C ASN B 299 -21.30 -0.76 -10.55
N SER B 300 -22.24 0.08 -10.89
CA SER B 300 -23.62 -0.39 -10.97
C SER B 300 -24.35 0.59 -11.91
N PRO B 301 -25.35 0.11 -12.68
CA PRO B 301 -26.09 1.04 -13.57
C PRO B 301 -26.73 2.18 -12.79
N ASP B 302 -27.02 1.97 -11.52
CA ASP B 302 -27.66 2.99 -10.64
C ASP B 302 -26.68 4.07 -10.18
N ASP B 303 -25.39 3.93 -10.52
CA ASP B 303 -24.38 4.82 -9.91
C ASP B 303 -24.72 6.28 -10.17
N GLY B 304 -25.02 6.65 -11.41
CA GLY B 304 -25.22 8.07 -11.77
C GLY B 304 -26.45 8.64 -11.01
N ALA B 305 -27.52 7.90 -11.01
CA ALA B 305 -28.71 8.28 -10.22
C ALA B 305 -28.33 8.43 -8.72
N ASN B 306 -27.52 7.52 -8.19
CA ASN B 306 -27.18 7.59 -6.77
C ASN B 306 -26.26 8.76 -6.49
N PHE B 307 -25.38 9.01 -7.47
CA PHE B 307 -24.40 10.12 -7.43
C PHE B 307 -25.21 11.46 -7.38
N ALA B 308 -26.25 11.54 -8.20
CA ALA B 308 -27.14 12.71 -8.14
C ALA B 308 -27.77 12.95 -6.74
N ILE B 309 -28.21 11.89 -6.05
CA ILE B 309 -28.72 12.04 -4.66
C ILE B 309 -27.64 12.64 -3.77
N LEU B 310 -26.44 12.07 -3.87
CA LEU B 310 -25.30 12.62 -3.12
C LEU B 310 -25.01 14.09 -3.45
N ILE B 311 -24.98 14.49 -4.72
CA ILE B 311 -24.73 15.89 -5.08
C ILE B 311 -25.80 16.82 -4.38
N GLN B 312 -27.06 16.41 -4.45
CA GLN B 312 -28.13 17.22 -3.86
C GLN B 312 -27.98 17.29 -2.34
N GLN B 313 -27.62 16.18 -1.74
CA GLN B 313 -27.40 16.07 -0.31
C GLN B 313 -26.30 17.05 0.13
N ILE B 314 -25.23 17.13 -0.64
CA ILE B 314 -24.17 18.11 -0.35
C ILE B 314 -24.71 19.54 -0.46
N THR B 315 -25.43 19.82 -1.53
CA THR B 315 -25.99 21.15 -1.76
C THR B 315 -26.90 21.50 -0.57
N ASP B 316 -27.68 20.52 -0.10
CA ASP B 316 -28.63 20.77 1.00
C ASP B 316 -27.99 21.08 2.35
N ALA B 317 -26.72 20.73 2.52
CA ALA B 317 -25.98 21.06 3.74
C ALA B 317 -25.74 22.57 3.87
N LYS B 318 -25.80 23.29 2.76
CA LYS B 318 -25.67 24.74 2.74
C LYS B 318 -24.33 25.12 3.37
N ILE B 319 -23.26 24.57 2.84
CA ILE B 319 -21.93 24.86 3.33
C ILE B 319 -21.62 26.21 2.72
N SER B 320 -21.42 27.22 3.56
CA SER B 320 -21.51 28.60 3.06
C SER B 320 -20.49 28.94 1.99
N ASN B 321 -19.28 28.41 2.11
CA ASN B 321 -18.24 28.77 1.18
C ASN B 321 -18.29 27.87 -0.07
N LEU B 322 -19.12 26.83 -0.09
CA LEU B 322 -19.07 25.92 -1.26
C LEU B 322 -19.96 26.49 -2.39
N LYS B 323 -19.34 26.97 -3.46
CA LYS B 323 -20.04 27.71 -4.52
C LYS B 323 -20.34 26.87 -5.74
N GLY B 324 -19.63 25.74 -5.91
CA GLY B 324 -19.80 24.91 -7.12
C GLY B 324 -19.32 23.46 -6.96
N ILE B 325 -20.01 22.52 -7.60
CA ILE B 325 -19.56 21.11 -7.59
C ILE B 325 -19.36 20.66 -9.04
N SER B 326 -18.18 20.12 -9.35
CA SER B 326 -17.90 19.53 -10.66
CA SER B 326 -17.90 19.54 -10.66
C SER B 326 -17.76 18.03 -10.53
N ILE B 327 -17.89 17.34 -11.65
CA ILE B 327 -17.74 15.86 -11.66
C ILE B 327 -16.79 15.52 -12.82
N ALA B 328 -16.40 14.25 -12.91
CA ALA B 328 -15.51 13.81 -14.01
C ALA B 328 -16.36 13.07 -15.05
N SER B 329 -16.00 13.14 -16.33
CA SER B 329 -16.70 12.29 -17.33
C SER B 329 -15.65 11.61 -18.20
N SER B 330 -15.91 10.38 -18.60
CA SER B 330 -15.04 9.71 -19.57
C SER B 330 -15.23 10.40 -20.92
N ALA B 331 -14.26 10.23 -21.81
CA ALA B 331 -14.41 10.68 -23.21
C ALA B 331 -15.01 9.57 -24.13
N ASP B 332 -15.16 8.37 -23.61
CA ASP B 332 -15.76 7.26 -24.39
C ASP B 332 -17.31 7.37 -24.29
N PRO B 333 -18.01 7.62 -25.42
CA PRO B 333 -19.46 7.82 -25.44
C PRO B 333 -20.20 6.71 -24.75
N ALA B 334 -19.69 5.48 -24.87
CA ALA B 334 -20.34 4.36 -24.18
C ALA B 334 -20.24 4.51 -22.67
N LYS B 335 -19.16 5.08 -22.19
CA LYS B 335 -19.02 5.20 -20.74
C LYS B 335 -19.78 6.46 -20.27
N ILE B 336 -19.77 7.50 -21.09
CA ILE B 336 -20.68 8.68 -20.93
C ILE B 336 -22.13 8.18 -20.78
N ASP B 337 -22.57 7.28 -21.66
CA ASP B 337 -23.92 6.73 -21.55
C ASP B 337 -24.18 6.05 -20.22
N ALA B 338 -23.22 5.22 -19.77
CA ALA B 338 -23.38 4.48 -18.54
C ALA B 338 -23.43 5.38 -17.28
N ALA B 339 -22.94 6.61 -17.39
CA ALA B 339 -22.74 7.46 -16.21
C ALA B 339 -24.00 8.24 -15.82
N ASN B 340 -25.02 8.21 -16.68
CA ASN B 340 -26.24 9.00 -16.40
C ASN B 340 -25.95 10.47 -16.05
N ILE B 341 -25.26 11.14 -16.94
CA ILE B 341 -24.90 12.52 -16.78
C ILE B 341 -26.12 13.46 -16.62
N PRO B 342 -27.27 13.10 -17.22
CA PRO B 342 -28.47 13.92 -16.94
C PRO B 342 -28.94 13.95 -15.50
N ALA B 343 -28.90 12.82 -14.80
CA ALA B 343 -29.23 12.83 -13.39
C ALA B 343 -28.36 13.89 -12.68
N LEU B 344 -27.06 13.92 -13.01
CA LEU B 344 -26.12 14.79 -12.31
C LEU B 344 -26.43 16.23 -12.63
N MET B 345 -26.66 16.53 -13.90
CA MET B 345 -26.88 17.95 -14.28
C MET B 345 -28.17 18.47 -13.62
N ASP B 346 -29.14 17.56 -13.45
CA ASP B 346 -30.42 17.79 -12.74
C ASP B 346 -30.33 17.91 -11.21
N ALA B 347 -29.20 17.53 -10.64
CA ALA B 347 -28.98 17.64 -9.21
C ALA B 347 -28.09 18.87 -8.94
N GLY B 348 -27.88 19.68 -9.97
CA GLY B 348 -27.23 20.97 -9.80
C GLY B 348 -25.71 21.03 -10.00
N VAL B 349 -25.13 19.98 -10.58
CA VAL B 349 -23.72 20.04 -10.99
C VAL B 349 -23.42 21.24 -11.90
N THR B 350 -22.34 21.96 -11.61
CA THR B 350 -22.03 23.19 -12.32
C THR B 350 -20.85 23.05 -13.28
N GLY B 351 -20.15 21.91 -13.21
CA GLY B 351 -19.01 21.72 -14.12
C GLY B 351 -18.80 20.23 -14.39
N ILE B 352 -18.35 19.92 -15.61
CA ILE B 352 -17.91 18.55 -15.95
C ILE B 352 -16.48 18.68 -16.41
N ASN B 353 -15.55 17.99 -15.75
CA ASN B 353 -14.18 17.96 -16.25
C ASN B 353 -14.09 16.72 -17.14
N LEU B 354 -14.05 16.96 -18.45
CA LEU B 354 -14.10 15.87 -19.42
C LEU B 354 -12.70 15.35 -19.52
N MET B 355 -12.48 14.11 -19.09
CA MET B 355 -11.09 13.61 -18.93
C MET B 355 -10.53 13.19 -20.29
N THR B 356 -10.05 14.17 -21.04
CA THR B 356 -9.72 13.98 -22.47
C THR B 356 -8.20 13.75 -22.59
N TYR B 357 -7.76 12.61 -22.09
CA TYR B 357 -6.36 12.21 -22.08
C TYR B 357 -6.36 10.70 -21.83
N ASP B 358 -5.17 10.11 -21.90
CA ASP B 358 -5.02 8.64 -21.78
C ASP B 358 -5.81 7.89 -22.85
N PHE B 359 -6.00 8.48 -24.02
CA PHE B 359 -6.80 7.75 -25.04
C PHE B 359 -5.99 6.60 -25.62
N PHE B 360 -4.67 6.71 -25.51
CA PHE B 360 -3.75 5.64 -25.88
C PHE B 360 -3.37 4.84 -24.64
N THR B 361 -3.83 3.59 -24.57
CA THR B 361 -3.58 2.67 -23.44
C THR B 361 -2.89 1.44 -24.03
N LEU B 362 -1.81 0.97 -23.41
CA LEU B 362 -1.13 -0.27 -23.90
C LEU B 362 -2.02 -1.52 -23.84
N GLY B 363 -1.83 -2.43 -24.80
CA GLY B 363 -2.52 -3.72 -24.75
C GLY B 363 -3.25 -4.21 -26.00
N ASP B 364 -3.27 -3.43 -27.09
CA ASP B 364 -3.92 -3.91 -28.32
C ASP B 364 -3.00 -3.80 -29.53
N GLY B 365 -1.77 -3.33 -29.31
CA GLY B 365 -0.74 -3.30 -30.34
C GLY B 365 -0.80 -2.18 -31.36
N LYS B 366 -1.70 -1.21 -31.13
CA LYS B 366 -1.92 -0.15 -32.09
C LYS B 366 -1.56 1.14 -31.44
N LEU B 367 -0.77 1.97 -32.15
CA LEU B 367 -0.46 3.34 -31.71
C LEU B 367 -1.70 4.21 -31.79
N SER B 368 -1.70 5.30 -31.01
CA SER B 368 -2.87 6.16 -30.90
C SER B 368 -2.41 7.47 -30.33
N HIS B 369 -3.16 8.53 -30.65
CA HIS B 369 -2.98 9.82 -29.94
C HIS B 369 -3.62 9.65 -28.59
N HIS B 370 -3.11 10.32 -27.57
CA HIS B 370 -3.71 10.15 -26.24
C HIS B 370 -4.60 11.28 -25.77
N THR B 371 -4.52 12.44 -26.43
CA THR B 371 -5.25 13.63 -25.95
C THR B 371 -5.69 14.52 -27.16
N ASN B 372 -6.08 13.86 -28.26
CA ASN B 372 -6.33 14.57 -29.54
C ASN B 372 -7.69 15.25 -29.61
N ILE B 373 -7.74 16.39 -30.30
CA ILE B 373 -9.00 17.09 -30.57
C ILE B 373 -9.97 16.32 -31.45
N TYR B 374 -9.48 15.82 -32.58
CA TYR B 374 -10.37 15.20 -33.58
C TYR B 374 -9.85 13.85 -33.98
N ARG B 375 -10.79 13.07 -34.50
CA ARG B 375 -10.51 11.80 -35.17
C ARG B 375 -11.44 11.60 -36.34
N ASP B 376 -10.94 10.89 -37.35
CA ASP B 376 -11.87 10.28 -38.32
C ASP B 376 -12.79 9.29 -37.62
N PRO B 377 -14.08 9.33 -37.94
CA PRO B 377 -15.02 8.47 -37.24
C PRO B 377 -14.73 6.98 -37.43
N SER B 378 -14.00 6.64 -38.49
CA SER B 378 -13.68 5.23 -38.78
CA SER B 378 -13.67 5.25 -38.81
C SER B 378 -12.31 4.81 -38.25
N ASP B 379 -11.60 5.73 -37.58
CA ASP B 379 -10.26 5.43 -37.07
C ASP B 379 -10.23 4.29 -36.03
N VAL B 380 -9.46 3.25 -36.29
CA VAL B 380 -9.36 2.13 -35.33
C VAL B 380 -8.08 2.24 -34.48
N TYR B 381 -7.29 3.27 -34.74
CA TYR B 381 -6.05 3.48 -34.04
C TYR B 381 -6.28 4.50 -32.93
N SER B 382 -6.54 5.75 -33.31
CA SER B 382 -6.96 6.77 -32.32
C SER B 382 -8.47 6.68 -32.20
N LYS B 383 -8.94 6.00 -31.16
CA LYS B 383 -10.35 5.62 -31.09
C LYS B 383 -11.22 6.66 -30.39
N TYR B 384 -10.58 7.64 -29.74
CA TYR B 384 -11.35 8.65 -28.97
C TYR B 384 -10.92 10.03 -29.42
N SER B 385 -11.78 11.01 -29.18
CA SER B 385 -11.34 12.40 -29.37
C SER B 385 -12.09 13.35 -28.46
N ILE B 386 -11.52 14.54 -28.28
CA ILE B 386 -12.21 15.59 -27.55
C ILE B 386 -13.56 15.88 -28.22
N ASP B 387 -13.52 16.00 -29.55
CA ASP B 387 -14.72 16.39 -30.29
C ASP B 387 -15.84 15.35 -30.24
N ASP B 388 -15.49 14.06 -30.30
CA ASP B 388 -16.48 13.03 -30.17
C ASP B 388 -17.21 13.14 -28.84
N ALA B 389 -16.43 13.35 -27.77
CA ALA B 389 -16.99 13.33 -26.42
C ALA B 389 -17.81 14.59 -26.16
N VAL B 390 -17.29 15.74 -26.56
CA VAL B 390 -18.00 17.04 -26.39
C VAL B 390 -19.34 17.01 -27.17
N THR B 391 -19.25 16.67 -28.45
CA THR B 391 -20.45 16.47 -29.27
C THR B 391 -21.48 15.53 -28.66
N HIS B 392 -21.04 14.42 -28.08
CA HIS B 392 -21.96 13.46 -27.43
C HIS B 392 -22.66 14.07 -26.17
N LEU B 393 -21.91 14.79 -25.34
CA LEU B 393 -22.51 15.46 -24.16
C LEU B 393 -23.57 16.51 -24.56
N ILE B 394 -23.23 17.37 -25.49
CA ILE B 394 -24.12 18.48 -25.86
C ILE B 394 -25.33 17.95 -26.64
N ASP B 395 -25.06 17.27 -27.75
CA ASP B 395 -26.10 16.78 -28.66
C ASP B 395 -26.94 15.65 -28.14
N GLU B 396 -26.36 14.62 -27.52
CA GLU B 396 -27.17 13.52 -27.00
CA GLU B 396 -27.18 13.53 -27.02
C GLU B 396 -27.60 13.70 -25.56
N LYS B 397 -26.71 14.24 -24.73
CA LYS B 397 -27.05 14.31 -23.31
C LYS B 397 -27.60 15.67 -22.87
N LYS B 398 -27.58 16.62 -23.79
CA LYS B 398 -28.22 17.93 -23.60
C LYS B 398 -27.54 18.77 -22.50
N VAL B 399 -26.22 18.61 -22.38
CA VAL B 399 -25.42 19.33 -21.41
C VAL B 399 -25.19 20.75 -21.91
N ASP B 400 -25.33 21.73 -21.02
CA ASP B 400 -24.97 23.10 -21.36
C ASP B 400 -23.50 23.09 -21.71
N PRO B 401 -23.14 23.62 -22.89
CA PRO B 401 -21.75 23.66 -23.34
C PRO B 401 -20.85 24.36 -22.34
N LYS B 402 -21.34 25.44 -21.73
CA LYS B 402 -20.56 26.21 -20.77
C LYS B 402 -20.16 25.46 -19.49
N ALA B 403 -20.81 24.33 -19.20
CA ALA B 403 -20.44 23.47 -18.04
C ALA B 403 -19.16 22.65 -18.31
N ILE B 404 -18.76 22.54 -19.57
CA ILE B 404 -17.76 21.52 -19.98
C ILE B 404 -16.37 22.06 -20.02
N PHE B 405 -15.43 21.38 -19.34
CA PHE B 405 -14.01 21.71 -19.46
C PHE B 405 -13.28 20.50 -20.03
N ILE B 406 -12.40 20.80 -20.98
CA ILE B 406 -11.60 19.80 -21.65
C ILE B 406 -10.17 19.87 -21.17
N GLY B 407 -9.49 18.72 -21.28
CA GLY B 407 -8.19 18.56 -20.67
C GLY B 407 -7.06 18.79 -21.65
N TYR B 408 -6.02 19.49 -21.20
CA TYR B 408 -4.71 19.33 -21.82
C TYR B 408 -3.73 18.63 -20.85
N ALA B 409 -2.70 17.97 -21.42
CA ALA B 409 -1.86 17.06 -20.64
C ALA B 409 -0.43 17.55 -20.53
N GLY B 410 0.16 17.48 -19.33
CA GLY B 410 1.57 17.76 -19.15
C GLY B 410 2.50 16.55 -19.26
N TYR B 411 1.99 15.47 -19.86
CA TYR B 411 2.74 14.20 -19.91
C TYR B 411 2.31 13.47 -21.18
N THR B 412 3.03 12.37 -21.48
CA THR B 412 2.85 11.65 -22.74
C THR B 412 2.42 10.19 -22.54
N ARG B 413 2.05 9.53 -23.62
CA ARG B 413 1.77 8.10 -23.59
C ARG B 413 2.61 7.53 -24.74
N ASN B 414 3.49 6.59 -24.39
CA ASN B 414 4.53 6.11 -25.30
C ASN B 414 4.40 4.60 -25.56
N ALA B 415 5.11 4.11 -26.58
CA ALA B 415 5.32 2.69 -26.79
C ALA B 415 6.67 2.55 -27.51
N LYS B 416 7.51 1.67 -26.97
CA LYS B 416 8.75 1.29 -27.67
C LYS B 416 8.44 0.14 -28.65
N ASN B 417 9.45 -0.30 -29.43
CA ASN B 417 9.25 -1.33 -30.49
C ASN B 417 8.09 -0.92 -31.40
N ALA B 418 8.07 0.36 -31.74
CA ALA B 418 6.95 0.93 -32.50
C ALA B 418 7.30 1.17 -33.96
N THR B 419 6.28 1.07 -34.80
CA THR B 419 6.41 1.30 -36.23
C THR B 419 5.29 2.18 -36.70
N ILE B 420 5.64 3.29 -37.35
CA ILE B 420 4.62 4.13 -37.94
C ILE B 420 4.27 3.50 -39.30
N THR B 421 2.99 3.26 -39.56
CA THR B 421 2.57 2.72 -40.84
C THR B 421 1.82 3.73 -41.74
N THR B 422 1.65 4.96 -41.29
CA THR B 422 1.05 6.02 -42.14
C THR B 422 1.81 6.16 -43.48
N SER B 423 1.11 6.12 -44.61
CA SER B 423 1.80 6.32 -45.90
C SER B 423 2.50 7.70 -46.00
N ILE B 424 1.76 8.77 -45.75
CA ILE B 424 2.34 10.11 -45.76
C ILE B 424 2.11 10.83 -44.41
N PRO B 425 3.02 10.58 -43.45
CA PRO B 425 2.83 11.06 -42.07
C PRO B 425 2.49 12.56 -41.98
N SER B 426 3.08 13.36 -42.86
CA SER B 426 2.84 14.79 -42.81
C SER B 426 1.48 15.21 -43.38
N GLU B 427 0.69 14.28 -43.90
CA GLU B 427 -0.60 14.67 -44.49
C GLU B 427 -1.78 13.80 -44.06
N GLU B 428 -1.50 12.56 -43.62
CA GLU B 428 -2.57 11.62 -43.27
C GLU B 428 -2.60 11.30 -41.76
N ALA B 429 -3.61 10.53 -41.36
CA ALA B 429 -3.87 10.21 -39.93
C ALA B 429 -2.83 9.22 -39.42
N LEU B 430 -2.37 9.41 -38.18
CA LEU B 430 -1.46 8.45 -37.56
C LEU B 430 -2.00 7.02 -37.62
N LYS B 431 -1.16 6.09 -38.07
CA LYS B 431 -1.40 4.69 -37.79
C LYS B 431 -0.09 3.99 -37.56
N GLY B 432 -0.13 2.88 -36.82
CA GLY B 432 1.11 2.25 -36.44
C GLY B 432 0.89 1.18 -35.41
N THR B 433 1.93 0.38 -35.20
CA THR B 433 1.84 -0.79 -34.37
C THR B 433 3.05 -0.83 -33.46
N TYR B 434 2.95 -1.65 -32.42
CA TYR B 434 4.10 -1.91 -31.54
C TYR B 434 3.97 -3.33 -31.05
N THR B 435 5.04 -3.94 -30.52
N THR B 435 5.11 -3.84 -30.59
CA THR B 435 4.94 -5.33 -29.98
CA THR B 435 5.20 -5.10 -29.91
C THR B 435 4.85 -5.45 -28.43
C THR B 435 6.14 -4.97 -28.71
N ASP B 436 5.93 -5.88 -27.79
CA ASP B 436 6.22 -5.80 -26.36
CA ASP B 436 6.44 -5.86 -26.45
C ASP B 436 6.76 -4.44 -25.92
N ALA B 437 5.82 -3.72 -25.33
CA ALA B 437 6.10 -2.37 -24.86
C ALA B 437 6.11 -2.28 -23.35
N ASN B 438 6.12 -3.42 -22.66
CA ASN B 438 6.38 -3.47 -21.22
C ASN B 438 7.74 -2.81 -20.99
N GLN B 439 7.81 -1.99 -19.95
CA GLN B 439 9.00 -1.26 -19.67
C GLN B 439 9.40 -0.30 -20.81
N THR B 440 8.47 0.56 -21.24
CA THR B 440 8.78 1.59 -22.22
C THR B 440 9.32 2.82 -21.53
N LEU B 441 10.22 3.51 -22.21
CA LEU B 441 10.71 4.84 -21.82
C LEU B 441 9.66 5.69 -21.03
N GLY B 442 10.01 6.15 -19.83
CA GLY B 442 9.15 7.11 -19.10
C GLY B 442 10.01 8.02 -18.23
N SER B 443 9.39 8.93 -17.50
CA SER B 443 10.07 9.77 -16.48
C SER B 443 9.99 9.15 -15.08
N PHE B 444 8.77 8.89 -14.61
CA PHE B 444 8.61 8.36 -13.25
C PHE B 444 7.86 7.03 -13.22
N GLU B 445 7.22 6.71 -14.34
CA GLU B 445 6.55 5.45 -14.52
C GLU B 445 6.73 5.04 -15.97
N TYR B 446 6.82 3.74 -16.22
CA TYR B 446 7.06 3.25 -17.60
C TYR B 446 5.96 3.73 -18.54
N SER B 447 6.37 4.20 -19.72
CA SER B 447 5.47 4.60 -20.85
C SER B 447 4.91 6.05 -20.77
N VAL B 448 5.28 6.77 -19.71
CA VAL B 448 4.84 8.13 -19.53
C VAL B 448 6.04 9.06 -19.33
N LEU B 449 6.24 9.95 -20.27
CA LEU B 449 7.27 10.99 -20.07
C LEU B 449 6.52 12.25 -19.62
N GLU B 450 7.19 13.09 -18.85
CA GLU B 450 6.57 14.30 -18.36
C GLU B 450 7.16 15.51 -19.08
N TRP B 451 6.53 16.67 -18.92
CA TRP B 451 6.79 17.81 -19.79
C TRP B 451 8.24 18.26 -19.72
N THR B 452 8.82 18.26 -18.53
CA THR B 452 10.20 18.74 -18.41
C THR B 452 11.13 17.89 -19.29
N ASP B 453 11.00 16.57 -19.20
CA ASP B 453 11.78 15.73 -20.13
C ASP B 453 11.58 16.08 -21.61
N ILE B 454 10.33 16.33 -22.01
CA ILE B 454 10.05 16.63 -23.40
C ILE B 454 10.84 17.87 -23.83
N ILE B 455 10.72 18.97 -23.08
CA ILE B 455 11.43 20.16 -23.52
C ILE B 455 12.95 20.09 -23.37
N CYS B 456 13.45 19.28 -22.43
CA CYS B 456 14.89 19.21 -22.24
C CYS B 456 15.55 18.25 -23.20
N HIS B 457 14.84 17.16 -23.54
CA HIS B 457 15.49 16.02 -24.22
C HIS B 457 14.83 15.45 -25.48
N TYR B 458 13.56 15.79 -25.74
CA TYR B 458 12.83 15.24 -26.89
C TYR B 458 12.42 16.24 -27.96
N MET B 459 12.23 17.49 -27.55
CA MET B 459 11.71 18.48 -28.48
C MET B 459 12.39 19.82 -28.20
N ASP B 460 12.80 20.52 -29.24
CA ASP B 460 13.39 21.85 -29.05
C ASP B 460 12.46 22.88 -29.70
N PHE B 461 11.58 23.45 -28.88
CA PHE B 461 10.55 24.33 -29.41
C PHE B 461 11.14 25.66 -29.86
N GLU B 462 12.26 26.06 -29.29
CA GLU B 462 12.88 27.31 -29.69
C GLU B 462 13.45 27.22 -31.11
N LYS B 463 13.99 26.05 -31.43
CA LYS B 463 14.63 25.81 -32.73
C LYS B 463 13.61 25.27 -33.72
N GLY B 464 12.53 24.72 -33.22
CA GLY B 464 11.42 24.31 -34.05
C GLY B 464 11.55 22.87 -34.47
N GLU B 465 12.39 22.11 -33.76
CA GLU B 465 12.63 20.73 -34.17
C GLU B 465 12.93 19.77 -33.04
N GLY B 466 12.75 18.49 -33.35
CA GLY B 466 13.12 17.40 -32.47
C GLY B 466 14.53 17.41 -31.93
N ARG B 467 14.69 16.79 -30.76
CA ARG B 467 16.01 16.60 -30.18
C ARG B 467 16.43 15.13 -30.29
N ASN B 468 17.73 14.90 -30.21
CA ASN B 468 18.27 13.55 -30.00
C ASN B 468 17.70 12.47 -30.91
N GLY B 469 17.43 12.82 -32.16
CA GLY B 469 17.03 11.83 -33.15
C GLY B 469 15.53 11.61 -33.18
N TYR B 470 14.79 12.39 -32.37
CA TYR B 470 13.34 12.37 -32.47
C TYR B 470 12.86 13.44 -33.43
N LYS B 471 11.74 13.16 -34.08
CA LYS B 471 11.17 14.11 -35.00
C LYS B 471 9.71 14.32 -34.65
N LEU B 472 9.28 15.58 -34.76
CA LEU B 472 7.89 15.96 -34.47
C LEU B 472 7.05 15.85 -35.71
N VAL B 473 5.97 15.11 -35.63
CA VAL B 473 5.07 15.01 -36.76
C VAL B 473 3.70 15.60 -36.42
N HIS B 474 3.19 16.49 -37.27
CA HIS B 474 1.85 16.98 -37.07
C HIS B 474 0.88 16.15 -37.87
N ASP B 475 -0.05 15.53 -37.16
CA ASP B 475 -1.16 14.79 -37.76
C ASP B 475 -2.34 15.72 -38.00
N LYS B 476 -2.60 16.02 -39.28
CA LYS B 476 -3.57 17.03 -39.74
C LYS B 476 -4.99 16.60 -39.52
N VAL B 477 -5.25 15.30 -39.51
CA VAL B 477 -6.60 14.79 -39.31
C VAL B 477 -7.04 14.99 -37.85
N ALA B 478 -6.18 14.54 -36.95
CA ALA B 478 -6.44 14.64 -35.52
C ALA B 478 -6.20 16.05 -34.92
N LYS B 479 -5.45 16.91 -35.61
CA LYS B 479 -4.91 18.16 -35.01
C LYS B 479 -4.03 17.93 -33.73
N ALA B 480 -3.15 16.94 -33.79
CA ALA B 480 -2.38 16.46 -32.64
C ALA B 480 -0.99 16.12 -33.16
N ASP B 481 0.02 16.35 -32.34
CA ASP B 481 1.40 16.10 -32.69
C ASP B 481 1.88 14.81 -32.04
N TYR B 482 2.88 14.18 -32.65
CA TYR B 482 3.61 13.14 -31.95
C TYR B 482 5.09 13.19 -32.26
N LEU B 483 5.88 12.53 -31.43
CA LEU B 483 7.31 12.43 -31.59
C LEU B 483 7.65 10.95 -31.87
N TYR B 484 8.62 10.73 -32.76
CA TYR B 484 9.04 9.35 -33.07
C TYR B 484 10.53 9.34 -33.39
N SER B 485 11.27 8.35 -32.88
CA SER B 485 12.67 8.18 -33.31
C SER B 485 12.86 6.85 -34.03
N GLU B 486 13.37 6.93 -35.25
CA GLU B 486 13.73 5.74 -36.06
C GLU B 486 14.70 4.85 -35.33
N ALA B 487 15.60 5.47 -34.57
CA ALA B 487 16.67 4.77 -33.90
C ALA B 487 16.23 4.01 -32.65
N THR B 488 15.38 4.64 -31.82
CA THR B 488 14.95 3.97 -30.59
C THR B 488 13.64 3.21 -30.84
N LYS B 489 12.94 3.60 -31.90
CA LYS B 489 11.60 3.09 -32.25
C LYS B 489 10.58 3.34 -31.13
N VAL B 490 10.81 4.39 -30.37
CA VAL B 490 9.82 4.83 -29.37
C VAL B 490 8.91 5.91 -29.96
N PHE B 491 7.60 5.67 -29.89
CA PHE B 491 6.55 6.60 -30.28
C PHE B 491 6.09 7.34 -29.01
N ILE B 492 5.93 8.66 -29.12
CA ILE B 492 5.53 9.49 -27.96
C ILE B 492 4.32 10.37 -28.35
N SER B 493 3.12 10.12 -27.77
CA SER B 493 1.98 11.00 -28.00
C SER B 493 2.02 12.12 -26.94
N LEU B 494 1.99 13.37 -27.37
CA LEU B 494 2.01 14.46 -26.40
C LEU B 494 1.13 15.60 -26.86
N ASP B 495 0.80 16.48 -25.90
CA ASP B 495 0.32 17.83 -26.19
C ASP B 495 1.51 18.76 -26.44
N THR B 496 1.34 19.75 -27.32
CA THR B 496 2.36 20.77 -27.57
C THR B 496 1.72 22.18 -27.47
N PRO B 497 2.51 23.25 -27.48
CA PRO B 497 1.85 24.56 -27.53
C PRO B 497 0.84 24.65 -28.67
N ARG B 498 1.20 24.17 -29.85
CA ARG B 498 0.23 24.14 -30.95
C ARG B 498 -1.08 23.43 -30.66
N SER B 499 -1.05 22.21 -30.14
CA SER B 499 -2.33 21.54 -29.86
C SER B 499 -3.11 22.18 -28.73
N VAL B 500 -2.42 22.70 -27.72
CA VAL B 500 -3.14 23.28 -26.61
C VAL B 500 -3.79 24.60 -27.02
N ARG B 501 -3.06 25.39 -27.81
CA ARG B 501 -3.72 26.57 -28.38
C ARG B 501 -4.94 26.16 -29.18
N ASP B 502 -4.80 25.12 -30.01
CA ASP B 502 -5.95 24.67 -30.76
C ASP B 502 -7.03 24.19 -29.84
N LYS B 503 -6.67 23.64 -28.69
CA LYS B 503 -7.70 23.25 -27.73
C LYS B 503 -8.42 24.48 -27.17
N GLY B 504 -7.69 25.54 -26.92
CA GLY B 504 -8.35 26.75 -26.44
C GLY B 504 -9.21 27.36 -27.55
N ARG B 505 -8.74 27.30 -28.79
CA ARG B 505 -9.55 27.78 -29.91
C ARG B 505 -10.88 27.02 -30.03
N TYR B 506 -10.82 25.70 -29.81
CA TYR B 506 -11.99 24.82 -29.75
C TYR B 506 -12.99 25.23 -28.68
N VAL B 507 -12.49 25.44 -27.46
CA VAL B 507 -13.35 25.89 -26.36
C VAL B 507 -14.01 27.26 -26.72
N LYS B 508 -13.22 28.18 -27.27
CA LYS B 508 -13.81 29.49 -27.70
C LYS B 508 -14.92 29.34 -28.77
N ASP B 509 -14.69 28.50 -29.78
CA ASP B 509 -15.68 28.30 -30.86
C ASP B 509 -16.95 27.61 -30.43
N LYS B 510 -16.82 26.64 -29.55
CA LYS B 510 -17.95 25.84 -29.14
C LYS B 510 -18.65 26.38 -27.90
N GLY B 511 -18.05 27.42 -27.32
CA GLY B 511 -18.59 28.10 -26.16
C GLY B 511 -18.50 27.22 -24.90
N LEU B 512 -17.37 26.53 -24.75
CA LEU B 512 -17.22 25.62 -23.61
C LEU B 512 -16.85 26.39 -22.32
N GLY B 513 -16.75 25.69 -21.19
CA GLY B 513 -16.40 26.31 -19.89
C GLY B 513 -14.96 26.80 -19.88
N GLY B 514 -14.09 26.02 -20.49
CA GLY B 514 -12.68 26.32 -20.51
C GLY B 514 -11.89 25.03 -20.55
N LEU B 515 -10.72 25.09 -19.96
CA LEU B 515 -9.79 23.94 -19.96
C LEU B 515 -9.22 23.68 -18.57
N PHE B 516 -8.75 22.46 -18.37
CA PHE B 516 -7.93 22.19 -17.16
C PHE B 516 -6.67 21.47 -17.62
N ILE B 517 -5.58 21.63 -16.87
CA ILE B 517 -4.36 20.81 -17.10
C ILE B 517 -4.24 19.62 -16.14
N TRP B 518 -4.00 18.43 -16.73
CA TRP B 518 -3.69 17.21 -15.96
C TRP B 518 -2.22 16.91 -16.25
N SER B 519 -1.29 17.28 -15.36
CA SER B 519 -1.50 18.12 -14.15
C SER B 519 -0.60 19.35 -14.19
N GLY B 520 -1.02 20.41 -13.49
CA GLY B 520 -0.39 21.72 -13.58
C GLY B 520 1.03 21.74 -13.03
N ASP B 521 1.33 20.82 -12.10
CA ASP B 521 2.69 20.70 -11.55
C ASP B 521 3.70 20.34 -12.61
N GLN B 522 3.24 19.73 -13.72
CA GLN B 522 4.15 19.31 -14.78
C GLN B 522 4.61 20.46 -15.68
N ASP B 523 3.78 21.50 -15.80
CA ASP B 523 3.99 22.57 -16.79
C ASP B 523 5.01 23.59 -16.27
N ASN B 524 5.90 24.08 -17.13
CA ASN B 524 6.79 25.19 -16.73
C ASN B 524 6.25 26.55 -17.16
N GLY B 525 5.09 26.46 -17.83
CA GLY B 525 4.30 27.62 -18.26
C GLY B 525 3.94 27.63 -19.74
N ILE B 526 4.69 26.87 -20.54
CA ILE B 526 4.53 26.86 -22.01
C ILE B 526 3.15 26.36 -22.40
N LEU B 527 2.73 25.21 -21.86
CA LEU B 527 1.44 24.72 -22.22
C LEU B 527 0.32 25.66 -21.79
N THR B 528 0.44 26.22 -20.59
CA THR B 528 -0.68 27.00 -20.08
C THR B 528 -0.80 28.32 -20.86
N ASN B 529 0.33 28.95 -21.15
CA ASN B 529 0.38 30.12 -22.05
C ASN B 529 -0.40 29.85 -23.31
N ALA B 530 -0.21 28.66 -23.89
CA ALA B 530 -0.88 28.30 -25.15
C ALA B 530 -2.36 28.18 -24.98
N ALA B 531 -2.82 27.68 -23.82
CA ALA B 531 -4.23 27.63 -23.54
C ALA B 531 -4.82 29.04 -23.54
N HIS B 532 -4.17 29.97 -22.86
CA HIS B 532 -4.74 31.31 -22.79
C HIS B 532 -4.71 31.96 -24.16
N GLU B 533 -3.61 31.76 -24.90
CA GLU B 533 -3.53 32.31 -26.26
C GLU B 533 -4.57 31.70 -27.22
N GLY B 534 -4.92 30.43 -27.04
CA GLY B 534 -6.02 29.81 -27.74
C GLY B 534 -7.39 30.42 -27.46
N LEU B 535 -7.61 30.88 -26.23
CA LEU B 535 -8.82 31.64 -25.85
C LEU B 535 -8.71 33.10 -26.32
N LYS B 536 -7.62 33.44 -27.00
CA LYS B 536 -7.38 34.78 -27.53
C LYS B 536 -7.38 35.82 -26.41
N ARG B 537 -6.82 35.46 -25.25
CA ARG B 537 -6.68 36.44 -24.15
C ARG B 537 -5.52 37.38 -24.39
N ARG B 538 -5.62 38.59 -23.85
CA ARG B 538 -4.59 39.60 -24.03
C ARG B 538 -3.52 39.45 -22.98
N ILE B 539 -2.25 39.59 -23.36
CA ILE B 539 -1.16 39.41 -22.42
C ILE B 539 -1.10 40.57 -21.43
N LYS B 540 -0.82 40.23 -20.17
CA LYS B 540 -0.69 41.22 -19.10
C LYS B 540 0.77 41.28 -18.73
N ASN B 541 1.29 40.18 -18.23
CA ASN B 541 2.70 40.13 -17.94
C ASN B 541 3.36 39.17 -18.89
N LYS B 542 4.31 39.67 -19.65
CA LYS B 542 5.00 38.86 -20.64
C LYS B 542 6.35 38.47 -20.08
N VAL B 543 6.56 37.16 -19.95
CA VAL B 543 7.82 36.62 -19.51
C VAL B 543 8.50 35.93 -20.69
N ILE B 544 7.72 35.45 -21.64
CA ILE B 544 8.27 34.80 -22.83
C ILE B 544 7.40 35.04 -24.08
N ASP B 545 8.06 35.19 -25.24
CA ASP B 545 7.28 35.30 -26.46
C ASP B 545 6.94 33.91 -26.97
N MET B 546 5.65 33.56 -27.04
CA MET B 546 5.26 32.22 -27.44
C MET B 546 5.35 32.00 -28.93
N THR B 547 5.51 33.08 -29.70
CA THR B 547 5.32 33.01 -31.15
C THR B 547 6.07 31.86 -31.88
N PRO B 548 7.38 31.73 -31.65
CA PRO B 548 8.11 30.66 -32.36
C PRO B 548 7.66 29.23 -32.00
N PHE B 549 6.99 29.05 -30.86
CA PHE B 549 6.80 27.68 -30.34
C PHE B 549 5.67 26.89 -30.98
N TYR B 550 4.84 27.57 -31.76
CA TYR B 550 3.71 26.92 -32.39
C TYR B 550 4.07 26.22 -33.71
N LEU B 551 5.15 26.65 -34.36
CA LEU B 551 5.57 26.14 -35.67
C LEU B 551 4.66 26.63 -36.81
O4 2PE C . 2.61 -17.63 1.08
C5 2PE C . 2.84 -16.84 2.25
C6 2PE C . 1.48 -16.60 2.89
O7 2PE C . 1.49 -15.45 3.71
C8 2PE C . 0.19 -15.29 4.35
C9 2PE C . 0.24 -15.99 5.69
O10 2PE C . -1.00 -16.44 6.19
C11 2PE C . -0.88 -16.99 7.49
C12 2PE C . -0.43 -15.88 8.45
O13 2PE C . -0.34 -16.32 9.81
C14 2PE C . -0.16 -15.24 10.79
C15 2PE C . -1.47 -14.47 10.80
O16 2PE C . -1.71 -13.34 11.67
C17 2PE C . -2.90 -13.52 12.52
C1 GOL D . 7.63 -23.92 1.78
O1 GOL D . 7.04 -23.46 0.57
C2 GOL D . 8.93 -24.60 1.40
O2 GOL D . 9.68 -23.69 0.61
C3 GOL D . 9.70 -25.04 2.66
O3 GOL D . 9.93 -23.98 3.59
C1 GOL E . -12.19 -7.89 27.26
O1 GOL E . -10.81 -8.12 27.37
C2 GOL E . -12.56 -6.62 28.02
O2 GOL E . -11.76 -5.53 27.61
C3 GOL E . -14.00 -6.25 27.72
O3 GOL E . -14.82 -7.39 27.78
C1 GOL F . -7.68 -5.75 26.43
O1 GOL F . -6.42 -5.18 26.22
C2 GOL F . -7.93 -5.78 27.93
O2 GOL F . -9.04 -6.64 28.14
C3 GOL F . -8.15 -4.35 28.40
O3 GOL F . -8.95 -4.33 29.57
O7 2PE G . 2.65 14.42 -11.73
C8 2PE G . 1.34 13.77 -11.70
C9 2PE G . 1.16 13.14 -13.07
O10 2PE G . -0.14 13.13 -13.65
C11 2PE G . -0.06 12.34 -14.85
C12 2PE G . -0.63 10.95 -14.67
O13 2PE G . -0.09 9.84 -15.45
C14 2PE G . -1.07 8.79 -15.23
C15 2PE G . -0.82 7.45 -14.60
O16 2PE G . -2.13 6.91 -14.40
C17 2PE G . -2.69 6.31 -15.57
C18 2PE G . -4.14 5.95 -15.35
O19 2PE G . -4.59 5.15 -16.42
C20 2PE G . -3.66 4.12 -16.79
C21 2PE G . -4.27 3.22 -17.86
O22 2PE G . -3.94 1.85 -17.58
C1 GOL H . -3.52 7.59 -10.90
O1 GOL H . -3.45 6.19 -10.77
C2 GOL H . -3.74 8.17 -9.51
O2 GOL H . -5.13 8.37 -9.33
C3 GOL H . -3.02 9.50 -9.51
O3 GOL H . -3.81 10.39 -10.27
C1 GOL I . -13.34 -0.21 -1.42
O1 GOL I . -13.49 -0.73 -0.12
C2 GOL I . -14.22 -0.98 -2.39
O2 GOL I . -13.51 -1.17 -3.61
C3 GOL I . -14.67 -2.30 -1.76
O3 GOL I . -15.08 -3.25 -2.71
#